data_4K43
#
_entry.id   4K43
#
_cell.length_a   54.578
_cell.length_b   70.349
_cell.length_c   107.673
_cell.angle_alpha   90.00
_cell.angle_beta   104.70
_cell.angle_gamma   90.00
#
_symmetry.space_group_name_H-M   'P 1 21 1'
#
loop_
_entity.id
_entity.type
_entity.pdbx_description
1 polymer 'Actin, alpha skeletal muscle'
2 non-polymer 'CALCIUM ION'
3 non-polymer "ADENOSINE-5'-DIPHOSPHATE"
4 non-polymer N-{(1E,4R,5R,7E,9S,10S,11S)-4,10-dimethoxy-11-[(2S,4S,5S)-2-(4-methoxyphenyl)-5-methyl-1,3-dioxan-4-yl]-5,9-dimethyl-6-oxododeca-1,7-dien-1-yl}-N-methylformamide
5 water water
#
_entity_poly.entity_id   1
_entity_poly.type   'polypeptide(L)'
_entity_poly.pdbx_seq_one_letter_code
;DEDETTALVCDNGSGLVKAGFAGDDAPRAVFPSIVGRPRHQGVMVGMGQKDSYVGDEAQSKRGILTLKYPIEHGIITNWD
DMEKIWHHTFYNELRVAPEEHPTLLTEAPLNPKANREKMTQIMFETFNVPAMYVAIQAVLSLYASGRTTGIVLDSGDGVT
HNVPIYEGYALPHAIMRLDLAGRDLTDYLMKILTERGYSFVTTAEREIVRDIKEKLCYVALDFENEMATAASSSSLEKSY
ELPDGQVITIGNERFRCPETLFQPSFIGMESAGIHETTYNSIMKCDIDIRKDLYANNVMSGGTTMYPGIADRMQKEITAL
APSTMKIKIIAPPERKYSVWIGGSILASLSTFQQMWITKQEYDEAGPSIVHRKCF
;
_entity_poly.pdbx_strand_id   A,B
#
loop_
_chem_comp.id
_chem_comp.type
_chem_comp.name
_chem_comp.formula
1PO non-polymer N-{(1E,4R,5R,7E,9S,10S,11S)-4,10-dimethoxy-11-[(2S,4S,5S)-2-(4-methoxyphenyl)-5-methyl-1,3-dioxan-4-yl]-5,9-dimethyl-6-oxododeca-1,7-dien-1-yl}-N-methylformamide 'C30 H45 N O7'
ADP non-polymer ADENOSINE-5'-DIPHOSPHATE 'C10 H15 N5 O10 P2'
CA non-polymer 'CALCIUM ION' 'Ca 2'
#
# COMPACT_ATOMS: atom_id res chain seq x y z
N THR A 5 -9.63 -12.44 42.98
CA THR A 5 -8.21 -12.55 42.62
C THR A 5 -7.82 -11.44 41.66
N THR A 6 -6.53 -11.07 41.68
CA THR A 6 -6.04 -9.98 40.86
C THR A 6 -6.22 -10.25 39.37
N ALA A 7 -6.80 -9.28 38.67
CA ALA A 7 -7.00 -9.40 37.23
C ALA A 7 -5.70 -9.17 36.48
N LEU A 8 -5.65 -9.61 35.23
CA LEU A 8 -4.50 -9.43 34.37
C LEU A 8 -4.83 -8.45 33.25
N VAL A 9 -3.86 -7.62 32.89
CA VAL A 9 -3.99 -6.69 31.77
C VAL A 9 -2.88 -6.96 30.76
N CYS A 10 -3.27 -7.39 29.56
CA CYS A 10 -2.32 -7.70 28.50
C CYS A 10 -2.58 -6.86 27.25
N ASP A 11 -1.69 -5.90 26.98
CA ASP A 11 -1.78 -5.09 25.78
C ASP A 11 -1.03 -5.73 24.62
N ASN A 12 -1.78 -6.32 23.70
CA ASN A 12 -1.19 -7.03 22.55
C ASN A 12 -0.74 -6.06 21.45
N GLY A 13 0.42 -5.45 21.64
CA GLY A 13 0.91 -4.43 20.73
C GLY A 13 1.50 -4.96 19.44
N SER A 14 1.64 -4.08 18.46
CA SER A 14 2.16 -4.44 17.15
C SER A 14 3.66 -4.74 17.21
N GLY A 15 4.34 -4.16 18.21
CA GLY A 15 5.76 -4.35 18.38
C GLY A 15 6.11 -4.86 19.77
N LEU A 16 5.47 -4.29 20.78
CA LEU A 16 5.73 -4.66 22.17
C LEU A 16 4.45 -5.16 22.85
N VAL A 17 4.62 -6.18 23.68
CA VAL A 17 3.52 -6.73 24.48
C VAL A 17 3.63 -6.27 25.92
N LYS A 18 2.77 -5.32 26.29
CA LYS A 18 2.72 -4.83 27.66
C LYS A 18 1.76 -5.67 28.48
N ALA A 19 2.30 -6.37 29.47
CA ALA A 19 1.51 -7.26 30.31
C ALA A 19 1.83 -7.07 31.78
N GLY A 20 0.82 -7.20 32.62
CA GLY A 20 0.99 -7.04 34.06
C GLY A 20 -0.33 -7.21 34.81
N PHE A 21 -0.31 -6.86 36.08
CA PHE A 21 -1.47 -7.02 36.95
C PHE A 21 -2.27 -5.73 37.07
N ALA A 22 -3.59 -5.84 37.01
CA ALA A 22 -4.45 -4.69 37.18
C ALA A 22 -4.29 -4.12 38.59
N GLY A 23 -4.13 -2.80 38.67
CA GLY A 23 -3.94 -2.12 39.93
C GLY A 23 -2.50 -1.68 40.15
N ASP A 24 -1.62 -2.06 39.22
CA ASP A 24 -0.20 -1.74 39.33
C ASP A 24 0.12 -0.39 38.71
N ASP A 25 1.26 0.17 39.11
CA ASP A 25 1.74 1.43 38.59
C ASP A 25 2.08 1.33 37.10
N ALA A 26 2.74 0.24 36.72
CA ALA A 26 3.20 0.04 35.35
C ALA A 26 3.16 -1.43 34.98
N PRO A 27 3.18 -1.73 33.67
CA PRO A 27 3.19 -3.15 33.26
C PRO A 27 4.45 -3.85 33.74
N ARG A 28 4.30 -5.02 34.33
CA ARG A 28 5.43 -5.73 34.92
C ARG A 28 6.36 -6.30 33.85
N ALA A 29 5.78 -6.63 32.68
CA ALA A 29 6.54 -7.23 31.59
C ALA A 29 6.31 -6.51 30.26
N VAL A 30 7.39 -6.17 29.59
CA VAL A 30 7.35 -5.56 28.26
C VAL A 30 8.34 -6.31 27.35
N PHE A 31 7.82 -6.91 26.29
CA PHE A 31 8.67 -7.71 25.40
C PHE A 31 8.18 -7.70 23.96
N PRO A 32 9.10 -7.93 23.00
CA PRO A 32 8.77 -7.98 21.57
C PRO A 32 7.65 -8.95 21.22
N SER A 33 6.87 -8.61 20.18
CA SER A 33 5.76 -9.44 19.74
C SER A 33 6.19 -10.40 18.65
N ILE A 34 7.37 -11.01 18.81
CA ILE A 34 7.92 -11.89 17.79
C ILE A 34 8.02 -13.34 18.26
N VAL A 35 7.73 -14.26 17.34
CA VAL A 35 7.79 -15.69 17.61
C VAL A 35 8.78 -16.35 16.65
N GLY A 36 9.80 -16.98 17.23
CA GLY A 36 10.87 -17.61 16.45
C GLY A 36 10.87 -19.13 16.52
N ARG A 37 11.08 -19.76 15.37
CA ARG A 37 11.29 -21.21 15.32
C ARG A 37 12.05 -21.59 14.04
N PRO A 38 12.90 -22.62 14.13
CA PRO A 38 13.78 -23.00 13.01
C PRO A 38 13.02 -23.39 11.74
N GLN A 49 16.90 -25.48 19.94
CA GLN A 49 16.84 -26.48 21.00
C GLN A 49 15.39 -26.83 21.34
N LYS A 50 14.54 -25.81 21.39
CA LYS A 50 13.11 -25.98 21.63
C LYS A 50 12.33 -25.83 20.31
N ASP A 51 11.01 -25.90 20.40
CA ASP A 51 10.16 -25.82 19.21
C ASP A 51 9.81 -24.37 18.87
N SER A 52 9.97 -23.47 19.85
CA SER A 52 9.65 -22.07 19.63
C SER A 52 10.27 -21.16 20.69
N TYR A 53 10.42 -19.89 20.34
CA TYR A 53 10.89 -18.86 21.26
C TYR A 53 10.04 -17.61 21.09
N VAL A 54 9.92 -16.82 22.15
CA VAL A 54 9.10 -15.60 22.14
C VAL A 54 9.81 -14.47 22.86
N GLY A 55 9.85 -13.30 22.21
CA GLY A 55 10.36 -12.09 22.82
C GLY A 55 11.83 -11.83 22.58
N ASP A 56 12.54 -11.48 23.65
CA ASP A 56 13.96 -11.14 23.57
C ASP A 56 14.79 -12.27 22.98
N GLU A 57 14.66 -13.46 23.54
CA GLU A 57 15.47 -14.59 23.12
C GLU A 57 15.04 -15.11 21.74
N ALA A 58 13.87 -14.69 21.29
CA ALA A 58 13.41 -15.08 19.96
C ALA A 58 14.22 -14.38 18.89
N GLN A 59 14.70 -13.16 19.19
CA GLN A 59 15.50 -12.40 18.25
C GLN A 59 16.97 -12.43 18.61
N SER A 60 17.28 -12.88 19.83
CA SER A 60 18.67 -13.09 20.22
C SER A 60 19.21 -14.24 19.39
N LYS A 61 18.35 -15.21 19.12
CA LYS A 61 18.69 -16.36 18.29
C LYS A 61 18.02 -16.23 16.92
N ARG A 62 17.90 -14.99 16.43
CA ARG A 62 17.20 -14.73 15.18
C ARG A 62 17.83 -15.45 13.99
N GLY A 63 19.09 -15.82 14.13
CA GLY A 63 19.85 -16.43 13.04
C GLY A 63 19.47 -17.87 12.75
N ILE A 64 19.08 -18.60 13.79
CA ILE A 64 18.73 -20.01 13.67
C ILE A 64 17.21 -20.22 13.60
N LEU A 65 16.45 -19.15 13.79
CA LEU A 65 14.99 -19.23 13.83
C LEU A 65 14.35 -18.52 12.64
N THR A 66 13.06 -18.75 12.46
CA THR A 66 12.23 -17.99 11.52
C THR A 66 11.31 -17.09 12.33
N LEU A 67 11.48 -15.78 12.20
CA LEU A 67 10.77 -14.85 13.04
C LEU A 67 9.38 -14.52 12.50
N LYS A 68 8.47 -14.26 13.43
CA LYS A 68 7.07 -14.07 13.10
C LYS A 68 6.51 -12.81 13.75
N TYR A 69 5.78 -12.03 12.97
CA TYR A 69 5.10 -10.84 13.48
C TYR A 69 3.58 -11.03 13.40
N PRO A 70 3.01 -11.82 14.32
CA PRO A 70 1.58 -12.14 14.22
C PRO A 70 0.66 -10.96 14.52
N ILE A 71 1.16 -9.94 15.22
CA ILE A 71 0.33 -8.80 15.61
C ILE A 71 0.77 -7.52 14.91
N GLU A 72 1.61 -7.63 13.89
CA GLU A 72 2.03 -6.46 13.13
C GLU A 72 0.83 -5.78 12.51
N HIS A 73 0.97 -4.48 12.23
CA HIS A 73 -0.10 -3.71 11.64
C HIS A 73 -1.31 -3.65 12.58
N GLY A 74 -1.10 -4.00 13.85
CA GLY A 74 -2.11 -3.86 14.88
C GLY A 74 -3.03 -5.06 15.09
N ILE A 75 -3.33 -5.77 14.00
CA ILE A 75 -4.31 -6.86 14.05
C ILE A 75 -3.61 -8.23 14.06
N ILE A 76 -4.11 -9.10 14.94
CA ILE A 76 -3.60 -10.47 15.04
C ILE A 76 -3.98 -11.27 13.79
N THR A 77 -2.98 -11.90 13.16
CA THR A 77 -3.19 -12.61 11.90
C THR A 77 -2.92 -14.10 11.99
N ASN A 78 -2.05 -14.49 12.92
CA ASN A 78 -1.71 -15.90 13.13
C ASN A 78 -1.97 -16.33 14.57
N TRP A 79 -2.83 -17.34 14.74
CA TRP A 79 -3.29 -17.72 16.06
C TRP A 79 -2.42 -18.79 16.72
N ASP A 80 -1.58 -19.47 15.95
CA ASP A 80 -0.63 -20.42 16.52
C ASP A 80 0.50 -19.67 17.19
N ASP A 81 0.94 -18.59 16.54
CA ASP A 81 2.01 -17.75 17.05
C ASP A 81 1.51 -16.91 18.23
N MET A 82 0.30 -16.39 18.09
CA MET A 82 -0.31 -15.58 19.13
C MET A 82 -0.48 -16.39 20.40
N GLU A 83 -0.90 -17.64 20.22
CA GLU A 83 -1.07 -18.58 21.32
C GLU A 83 0.24 -18.77 22.05
N LYS A 84 1.34 -18.76 21.30
CA LYS A 84 2.68 -18.88 21.88
C LYS A 84 3.07 -17.61 22.63
N ILE A 85 2.62 -16.45 22.13
CA ILE A 85 2.90 -15.19 22.81
C ILE A 85 2.14 -15.12 24.13
N TRP A 86 0.87 -15.50 24.13
CA TRP A 86 0.07 -15.48 25.34
C TRP A 86 0.60 -16.52 26.32
N HIS A 87 1.02 -17.67 25.80
CA HIS A 87 1.58 -18.71 26.64
C HIS A 87 2.88 -18.23 27.29
N HIS A 88 3.65 -17.45 26.54
CA HIS A 88 4.87 -16.84 27.08
C HIS A 88 4.54 -15.82 28.15
N THR A 89 3.46 -15.07 27.93
CA THR A 89 3.05 -14.02 28.85
C THR A 89 2.70 -14.60 30.21
N PHE A 90 1.80 -15.58 30.21
CA PHE A 90 1.32 -16.17 31.46
C PHE A 90 2.45 -16.84 32.25
N TYR A 91 3.01 -17.91 31.69
CA TYR A 91 3.90 -18.79 32.44
C TYR A 91 5.32 -18.25 32.59
N ASN A 92 5.86 -17.64 31.55
CA ASN A 92 7.27 -17.23 31.58
C ASN A 92 7.48 -15.80 32.08
N GLU A 93 6.60 -14.88 31.71
CA GLU A 93 6.77 -13.48 32.10
C GLU A 93 6.10 -13.16 33.43
N LEU A 94 4.78 -13.27 33.49
CA LEU A 94 4.05 -12.93 34.70
C LEU A 94 4.11 -14.08 35.71
N ARG A 95 4.41 -15.28 35.20
CA ARG A 95 4.51 -16.46 36.04
C ARG A 95 3.27 -16.64 36.90
N VAL A 96 2.12 -16.73 36.23
CA VAL A 96 0.84 -16.96 36.87
C VAL A 96 0.12 -18.11 36.20
N ALA A 97 -0.96 -18.57 36.83
CA ALA A 97 -1.81 -19.60 36.26
C ALA A 97 -3.01 -18.93 35.59
N PRO A 98 -3.12 -19.05 34.25
CA PRO A 98 -4.21 -18.35 33.56
C PRO A 98 -5.60 -18.78 34.03
N GLU A 99 -5.69 -19.97 34.63
CA GLU A 99 -6.95 -20.47 35.14
C GLU A 99 -7.34 -19.82 36.47
N GLU A 100 -6.40 -19.06 37.05
CA GLU A 100 -6.61 -18.43 38.35
C GLU A 100 -6.68 -16.90 38.28
N HIS A 101 -6.82 -16.36 37.07
CA HIS A 101 -6.81 -14.90 36.90
C HIS A 101 -7.71 -14.42 35.75
N PRO A 102 -8.66 -13.52 36.04
CA PRO A 102 -9.40 -12.84 34.97
C PRO A 102 -8.46 -12.04 34.08
N THR A 103 -8.58 -12.18 32.76
CA THR A 103 -7.62 -11.58 31.84
C THR A 103 -8.28 -10.59 30.89
N LEU A 104 -7.88 -9.32 30.99
CA LEU A 104 -8.30 -8.29 30.05
C LEU A 104 -7.32 -8.19 28.88
N LEU A 105 -7.82 -8.45 27.68
CA LEU A 105 -7.02 -8.33 26.46
C LEU A 105 -7.30 -7.00 25.79
N THR A 106 -6.37 -6.52 24.98
CA THR A 106 -6.56 -5.30 24.19
C THR A 106 -6.53 -5.62 22.71
N GLU A 107 -7.22 -4.81 21.92
CA GLU A 107 -7.30 -5.01 20.47
C GLU A 107 -7.12 -3.69 19.73
N ALA A 108 -6.59 -3.76 18.52
CA ALA A 108 -6.45 -2.57 17.69
C ALA A 108 -7.83 -2.06 17.28
N PRO A 109 -7.94 -0.75 17.01
CA PRO A 109 -9.21 -0.22 16.50
C PRO A 109 -9.66 -0.94 15.23
N LEU A 110 -10.97 -0.99 14.98
CA LEU A 110 -11.51 -1.64 13.80
C LEU A 110 -11.15 -3.13 13.74
N ASN A 111 -10.96 -3.74 14.90
CA ASN A 111 -10.69 -5.18 14.95
C ASN A 111 -11.94 -5.96 14.57
N PRO A 112 -11.88 -6.77 13.48
CA PRO A 112 -13.07 -7.50 13.04
C PRO A 112 -13.74 -8.35 14.12
N LYS A 113 -15.02 -8.66 13.91
CA LYS A 113 -15.82 -9.36 14.91
C LYS A 113 -15.35 -10.78 15.15
N ALA A 114 -15.04 -11.50 14.08
CA ALA A 114 -14.63 -12.89 14.17
C ALA A 114 -13.28 -12.99 14.87
N ASN A 115 -12.52 -11.90 14.85
CA ASN A 115 -11.21 -11.87 15.48
C ASN A 115 -11.33 -11.91 16.99
N ARG A 116 -12.15 -11.02 17.55
CA ARG A 116 -12.32 -10.97 19.00
C ARG A 116 -13.10 -12.19 19.49
N GLU A 117 -13.83 -12.83 18.58
CA GLU A 117 -14.49 -14.09 18.88
C GLU A 117 -13.44 -15.17 19.13
N LYS A 118 -12.43 -15.18 18.26
CA LYS A 118 -11.37 -16.17 18.33
C LYS A 118 -10.38 -15.83 19.44
N MET A 119 -10.24 -14.54 19.73
CA MET A 119 -9.45 -14.11 20.88
C MET A 119 -10.07 -14.68 22.14
N THR A 120 -11.40 -14.61 22.20
CA THR A 120 -12.15 -15.12 23.35
C THR A 120 -12.11 -16.65 23.44
N GLN A 121 -12.28 -17.31 22.30
CA GLN A 121 -12.30 -18.76 22.28
C GLN A 121 -11.00 -19.34 22.81
N ILE A 122 -9.88 -18.81 22.35
CA ILE A 122 -8.57 -19.28 22.77
C ILE A 122 -8.37 -19.05 24.27
N MET A 123 -8.92 -17.96 24.78
CA MET A 123 -8.77 -17.65 26.20
C MET A 123 -9.46 -18.69 27.08
N PHE A 124 -10.62 -19.17 26.64
CA PHE A 124 -11.40 -20.11 27.44
C PHE A 124 -11.03 -21.56 27.16
N GLU A 125 -11.02 -21.95 25.89
CA GLU A 125 -10.84 -23.35 25.55
C GLU A 125 -9.39 -23.83 25.65
N THR A 126 -8.43 -22.91 25.54
CA THR A 126 -7.02 -23.27 25.54
C THR A 126 -6.31 -22.86 26.84
N PHE A 127 -6.64 -21.68 27.35
CA PHE A 127 -6.00 -21.15 28.56
C PHE A 127 -6.93 -21.22 29.79
N ASN A 128 -8.21 -21.49 29.54
CA ASN A 128 -9.17 -21.70 30.63
C ASN A 128 -9.26 -20.55 31.63
N VAL A 129 -9.33 -19.32 31.13
CA VAL A 129 -9.49 -18.18 32.02
C VAL A 129 -10.86 -18.22 32.68
N PRO A 130 -10.96 -17.76 33.94
CA PRO A 130 -12.26 -17.69 34.60
C PRO A 130 -13.15 -16.63 33.97
N ALA A 131 -12.56 -15.50 33.64
CA ALA A 131 -13.27 -14.41 32.97
C ALA A 131 -12.31 -13.62 32.09
N MET A 132 -12.84 -12.96 31.06
CA MET A 132 -12.01 -12.14 30.20
C MET A 132 -12.81 -11.04 29.50
N TYR A 133 -12.09 -10.17 28.80
CA TYR A 133 -12.69 -9.05 28.10
C TYR A 133 -11.71 -8.52 27.06
N VAL A 134 -12.24 -7.95 25.97
CA VAL A 134 -11.41 -7.37 24.91
C VAL A 134 -11.75 -5.90 24.72
N ALA A 135 -10.80 -5.02 25.06
CA ALA A 135 -11.00 -3.58 24.98
C ALA A 135 -10.19 -2.97 23.84
N ILE A 136 -10.74 -1.91 23.23
CA ILE A 136 -10.03 -1.20 22.17
C ILE A 136 -8.92 -0.35 22.78
N GLN A 137 -7.72 -0.52 22.24
CA GLN A 137 -6.51 0.09 22.79
C GLN A 137 -6.61 1.61 22.95
N ALA A 138 -7.03 2.29 21.89
CA ALA A 138 -7.13 3.74 21.90
C ALA A 138 -8.08 4.22 22.99
N VAL A 139 -9.15 3.46 23.21
CA VAL A 139 -10.16 3.82 24.19
C VAL A 139 -9.60 3.80 25.61
N LEU A 140 -8.75 2.81 25.90
CA LEU A 140 -8.17 2.70 27.23
C LEU A 140 -7.25 3.89 27.51
N SER A 141 -6.54 4.34 26.47
CA SER A 141 -5.62 5.46 26.62
C SER A 141 -6.37 6.70 27.05
N LEU A 142 -7.59 6.85 26.54
CA LEU A 142 -8.43 7.99 26.89
C LEU A 142 -8.83 7.92 28.37
N TYR A 143 -9.13 6.72 28.84
CA TYR A 143 -9.51 6.53 30.24
C TYR A 143 -8.36 6.89 31.17
N ALA A 144 -7.14 6.61 30.72
CA ALA A 144 -5.95 6.88 31.52
C ALA A 144 -5.72 8.38 31.67
N SER A 145 -6.23 9.16 30.73
CA SER A 145 -6.08 10.60 30.76
C SER A 145 -7.13 11.24 31.66
N GLY A 146 -8.23 10.52 31.87
CA GLY A 146 -9.31 10.99 32.71
C GLY A 146 -10.45 11.57 31.90
N ARG A 147 -10.65 11.00 30.70
CA ARG A 147 -11.66 11.47 29.77
C ARG A 147 -12.52 10.32 29.27
N THR A 148 -13.78 10.62 28.95
CA THR A 148 -14.67 9.66 28.30
C THR A 148 -15.01 10.17 26.91
N THR A 149 -14.64 11.41 26.64
CA THR A 149 -14.86 12.03 25.33
C THR A 149 -13.56 12.65 24.83
N GLY A 150 -13.27 12.44 23.55
CA GLY A 150 -12.07 12.98 22.94
C GLY A 150 -11.62 12.13 21.78
N ILE A 151 -10.61 12.61 21.05
CA ILE A 151 -10.04 11.86 19.93
C ILE A 151 -8.58 11.51 20.23
N VAL A 152 -8.25 10.23 20.06
CA VAL A 152 -6.93 9.72 20.42
C VAL A 152 -6.10 9.44 19.17
N LEU A 153 -4.85 9.88 19.20
CA LEU A 153 -3.86 9.51 18.19
C LEU A 153 -2.96 8.42 18.75
N ASP A 154 -3.25 7.18 18.39
CA ASP A 154 -2.46 6.04 18.84
C ASP A 154 -1.44 5.64 17.79
N SER A 155 -0.17 5.97 18.04
CA SER A 155 0.92 5.62 17.13
C SER A 155 1.91 4.71 17.82
N GLY A 156 1.90 3.43 17.44
CA GLY A 156 2.71 2.42 18.07
C GLY A 156 3.94 2.05 17.27
N ASP A 157 4.12 0.76 17.02
CA ASP A 157 5.27 0.26 16.25
C ASP A 157 4.87 -0.09 14.81
N GLY A 158 3.75 -0.79 14.67
CA GLY A 158 3.33 -1.31 13.38
C GLY A 158 2.23 -0.50 12.69
N VAL A 159 1.45 0.24 13.46
CA VAL A 159 0.30 0.97 12.90
C VAL A 159 -0.03 2.23 13.72
N THR A 160 -0.64 3.21 13.04
CA THR A 160 -1.10 4.44 13.68
C THR A 160 -2.60 4.62 13.45
N HIS A 161 -3.34 4.84 14.53
CA HIS A 161 -4.79 5.02 14.46
C HIS A 161 -5.24 6.39 14.98
N ASN A 162 -6.26 6.94 14.33
CA ASN A 162 -7.00 8.09 14.85
C ASN A 162 -8.38 7.63 15.28
N VAL A 163 -8.65 7.69 16.58
CA VAL A 163 -9.89 7.14 17.14
C VAL A 163 -10.67 8.20 17.92
N PRO A 164 -11.80 8.67 17.36
CA PRO A 164 -12.68 9.58 18.09
C PRO A 164 -13.63 8.84 19.03
N ILE A 165 -13.63 9.23 20.30
CA ILE A 165 -14.39 8.57 21.34
C ILE A 165 -15.37 9.54 21.99
N TYR A 166 -16.65 9.19 21.98
CA TYR A 166 -17.68 10.03 22.58
C TYR A 166 -18.47 9.28 23.66
N GLU A 167 -18.56 9.87 24.84
CA GLU A 167 -19.28 9.27 25.97
C GLU A 167 -18.74 7.89 26.31
N GLY A 168 -17.43 7.72 26.16
CA GLY A 168 -16.77 6.49 26.56
C GLY A 168 -16.79 5.41 25.50
N TYR A 169 -17.32 5.73 24.32
CA TYR A 169 -17.41 4.77 23.23
C TYR A 169 -16.84 5.32 21.92
N ALA A 170 -15.96 4.53 21.32
CA ALA A 170 -15.29 4.90 20.07
C ALA A 170 -16.28 4.91 18.90
N LEU A 171 -16.03 5.81 17.95
CA LEU A 171 -16.91 5.97 16.80
C LEU A 171 -16.30 5.32 15.55
N PRO A 172 -16.69 4.05 15.27
CA PRO A 172 -16.00 3.25 14.24
C PRO A 172 -15.92 3.90 12.85
N HIS A 173 -16.96 4.61 12.44
CA HIS A 173 -17.02 5.15 11.09
C HIS A 173 -16.05 6.31 10.87
N ALA A 174 -15.59 6.91 11.97
CA ALA A 174 -14.67 8.04 11.91
C ALA A 174 -13.23 7.64 12.26
N ILE A 175 -13.00 6.36 12.50
CA ILE A 175 -11.67 5.87 12.81
C ILE A 175 -10.80 5.87 11.57
N MET A 176 -9.59 6.42 11.68
CA MET A 176 -8.64 6.45 10.58
C MET A 176 -7.47 5.51 10.89
N ARG A 177 -7.01 4.78 9.87
CA ARG A 177 -5.91 3.83 10.03
C ARG A 177 -4.75 4.19 9.12
N LEU A 178 -3.63 4.57 9.71
CA LEU A 178 -2.40 4.85 8.98
C LEU A 178 -1.35 3.77 9.22
N ASP A 179 -1.04 3.01 8.17
CA ASP A 179 -0.04 1.95 8.24
C ASP A 179 1.38 2.53 8.28
N LEU A 180 1.64 3.43 9.22
CA LEU A 180 2.94 4.10 9.35
C LEU A 180 3.24 4.39 10.82
N ALA A 181 4.28 3.76 11.35
CA ALA A 181 4.65 3.99 12.74
C ALA A 181 6.16 3.87 12.95
N GLY A 182 6.58 3.77 14.20
CA GLY A 182 7.98 3.82 14.56
C GLY A 182 8.86 2.81 13.85
N ARG A 183 8.27 1.68 13.46
CA ARG A 183 9.01 0.66 12.72
C ARG A 183 9.43 1.21 11.37
N ASP A 184 8.50 1.82 10.66
CA ASP A 184 8.80 2.46 9.38
C ASP A 184 9.81 3.58 9.57
N LEU A 185 9.68 4.29 10.69
CA LEU A 185 10.57 5.40 10.99
C LEU A 185 11.99 4.91 11.23
N THR A 186 12.11 3.83 11.99
CA THR A 186 13.42 3.26 12.28
C THR A 186 14.10 2.88 10.97
N ASP A 187 13.37 2.21 10.09
CA ASP A 187 13.90 1.81 8.80
C ASP A 187 14.28 3.04 7.98
N TYR A 188 13.42 4.04 8.02
CA TYR A 188 13.65 5.29 7.30
C TYR A 188 14.92 5.97 7.81
N LEU A 189 15.13 5.92 9.12
CA LEU A 189 16.30 6.55 9.73
C LEU A 189 17.59 5.83 9.33
N MET A 190 17.51 4.51 9.15
CA MET A 190 18.66 3.75 8.67
C MET A 190 19.02 4.20 7.26
N LYS A 191 18.01 4.29 6.42
CA LYS A 191 18.19 4.64 5.01
C LYS A 191 18.93 5.97 4.86
N ILE A 192 18.40 7.01 5.49
CA ILE A 192 18.93 8.36 5.31
C ILE A 192 20.26 8.55 6.06
N LEU A 193 20.51 7.73 7.07
CA LEU A 193 21.81 7.76 7.75
C LEU A 193 22.86 7.09 6.86
N THR A 194 22.44 6.06 6.15
CA THR A 194 23.33 5.35 5.22
C THR A 194 23.65 6.24 4.03
N GLU A 195 22.67 7.01 3.58
CA GLU A 195 22.84 7.90 2.44
C GLU A 195 23.86 9.00 2.73
N ARG A 196 24.03 9.34 4.01
CA ARG A 196 24.92 10.43 4.40
C ARG A 196 26.37 9.99 4.39
N GLY A 197 26.61 8.69 4.52
CA GLY A 197 27.95 8.15 4.45
C GLY A 197 28.20 6.95 5.35
N TYR A 198 27.27 6.67 6.26
CA TYR A 198 27.40 5.54 7.16
C TYR A 198 26.83 4.28 6.50
N SER A 199 26.75 3.19 7.27
CA SER A 199 26.19 1.95 6.77
C SER A 199 25.48 1.16 7.87
N PHE A 200 24.20 1.46 8.07
CA PHE A 200 23.35 0.70 8.98
C PHE A 200 22.39 -0.14 8.16
N VAL A 201 22.74 -1.42 7.99
CA VAL A 201 21.97 -2.31 7.12
C VAL A 201 21.50 -3.56 7.86
N THR A 202 22.37 -4.10 8.72
CA THR A 202 22.08 -5.37 9.38
C THR A 202 21.01 -5.22 10.46
N THR A 203 20.41 -6.35 10.81
CA THR A 203 19.36 -6.39 11.84
C THR A 203 19.89 -5.93 13.19
N ALA A 204 21.14 -6.24 13.48
CA ALA A 204 21.74 -5.82 14.75
C ALA A 204 21.94 -4.31 14.76
N GLU A 205 22.18 -3.74 13.58
CA GLU A 205 22.35 -2.31 13.45
C GLU A 205 21.00 -1.60 13.51
N ARG A 206 19.94 -2.33 13.18
CA ARG A 206 18.58 -1.79 13.29
C ARG A 206 18.27 -1.46 14.74
N GLU A 207 18.66 -2.36 15.64
CA GLU A 207 18.42 -2.18 17.07
C GLU A 207 19.22 -1.01 17.62
N ILE A 208 20.34 -0.69 16.97
CA ILE A 208 21.15 0.45 17.37
C ILE A 208 20.52 1.75 16.91
N VAL A 209 20.08 1.78 15.66
CA VAL A 209 19.47 2.97 15.08
C VAL A 209 18.19 3.33 15.82
N ARG A 210 17.44 2.33 16.25
CA ARG A 210 16.21 2.56 16.99
C ARG A 210 16.51 3.31 18.29
N ASP A 211 17.65 3.02 18.90
CA ASP A 211 18.04 3.70 20.12
C ASP A 211 18.40 5.16 19.85
N ILE A 212 18.99 5.41 18.68
CA ILE A 212 19.29 6.77 18.25
C ILE A 212 18.01 7.55 18.09
N LYS A 213 17.04 6.90 17.45
CA LYS A 213 15.73 7.49 17.20
C LYS A 213 15.05 7.92 18.49
N GLU A 214 15.08 7.06 19.49
CA GLU A 214 14.39 7.33 20.75
C GLU A 214 15.13 8.34 21.63
N LYS A 215 16.41 8.56 21.35
CA LYS A 215 17.24 9.40 22.21
C LYS A 215 17.61 10.76 21.63
N LEU A 216 17.57 10.91 20.31
CA LEU A 216 18.05 12.13 19.67
C LEU A 216 17.05 12.80 18.72
N CYS A 217 16.10 12.05 18.17
CA CYS A 217 15.14 12.62 17.22
C CYS A 217 14.15 13.55 17.90
N TYR A 218 13.52 14.39 17.11
CA TYR A 218 12.52 15.35 17.59
C TYR A 218 11.71 15.86 16.41
N VAL A 219 10.51 16.37 16.67
CA VAL A 219 9.67 16.89 15.60
C VAL A 219 9.94 18.37 15.39
N ALA A 220 10.20 18.74 14.14
CA ALA A 220 10.49 20.13 13.78
C ALA A 220 9.21 20.96 13.77
N LEU A 221 9.27 22.13 14.41
CA LEU A 221 8.14 23.05 14.40
C LEU A 221 7.83 23.47 12.96
N ASP A 222 8.87 23.91 12.26
CA ASP A 222 8.79 24.16 10.83
C ASP A 222 9.88 23.34 10.14
N PHE A 223 9.47 22.49 9.21
CA PHE A 223 10.40 21.56 8.56
C PHE A 223 11.46 22.28 7.73
N GLU A 224 11.04 23.15 6.82
CA GLU A 224 11.96 23.81 5.91
C GLU A 224 12.95 24.72 6.66
N ASN A 225 12.46 25.42 7.68
CA ASN A 225 13.32 26.29 8.47
C ASN A 225 14.42 25.48 9.17
N GLU A 226 14.06 24.30 9.65
CA GLU A 226 15.03 23.42 10.31
C GLU A 226 16.03 22.85 9.31
N MET A 227 15.56 22.53 8.12
CA MET A 227 16.44 22.06 7.05
C MET A 227 17.45 23.14 6.70
N ALA A 228 17.04 24.40 6.82
CA ALA A 228 17.91 25.53 6.50
C ALA A 228 18.96 25.77 7.57
N THR A 229 18.59 25.55 8.82
CA THR A 229 19.54 25.68 9.92
C THR A 229 20.58 24.58 9.83
N ALA A 230 20.20 23.47 9.20
CA ALA A 230 21.10 22.31 9.07
C ALA A 230 22.07 22.50 7.90
N ALA A 231 21.60 23.18 6.85
CA ALA A 231 22.42 23.37 5.66
C ALA A 231 23.45 24.49 5.84
N SER A 232 23.22 25.36 6.81
CA SER A 232 24.03 26.57 6.98
C SER A 232 24.88 26.55 8.25
N SER A 233 24.50 25.72 9.22
CA SER A 233 25.27 25.60 10.45
C SER A 233 25.32 24.15 10.92
N SER A 234 25.85 23.97 12.12
CA SER A 234 25.97 22.64 12.74
C SER A 234 25.44 22.70 14.17
N SER A 235 24.50 23.60 14.40
CA SER A 235 23.95 23.82 15.73
C SER A 235 22.95 22.73 16.11
N LEU A 236 22.40 22.06 15.09
CA LEU A 236 21.41 21.01 15.32
C LEU A 236 22.04 19.63 15.42
N GLU A 237 23.31 19.52 15.07
CA GLU A 237 23.99 18.23 15.06
C GLU A 237 24.20 17.68 16.47
N LYS A 238 23.97 16.37 16.62
CA LYS A 238 24.24 15.66 17.86
C LYS A 238 25.15 14.47 17.61
N SER A 239 26.01 14.18 18.58
CA SER A 239 26.90 13.03 18.51
C SER A 239 26.29 11.83 19.22
N TYR A 240 26.68 10.64 18.80
CA TYR A 240 26.16 9.41 19.37
C TYR A 240 27.25 8.33 19.41
N GLU A 241 27.55 7.83 20.60
CA GLU A 241 28.59 6.82 20.76
C GLU A 241 28.02 5.43 20.55
N LEU A 242 28.54 4.73 19.56
CA LEU A 242 28.13 3.35 19.29
C LEU A 242 28.63 2.45 20.41
N PRO A 243 28.06 1.23 20.51
CA PRO A 243 28.55 0.29 21.53
C PRO A 243 30.04 -0.02 21.39
N ASP A 244 30.56 0.00 20.17
CA ASP A 244 31.98 -0.29 19.94
C ASP A 244 32.87 0.94 20.12
N GLY A 245 32.32 1.99 20.74
CA GLY A 245 33.10 3.17 21.07
C GLY A 245 33.16 4.22 19.97
N GLN A 246 32.83 3.82 18.75
CA GLN A 246 32.82 4.74 17.62
C GLN A 246 31.76 5.81 17.80
N VAL A 247 32.15 7.06 17.53
CA VAL A 247 31.25 8.21 17.65
C VAL A 247 30.77 8.67 16.27
N ILE A 248 29.46 8.66 16.07
CA ILE A 248 28.87 9.15 14.82
C ILE A 248 28.12 10.45 15.08
N THR A 249 27.81 11.17 14.01
CA THR A 249 27.15 12.46 14.11
C THR A 249 25.86 12.49 13.29
N ILE A 250 24.76 12.85 13.94
CA ILE A 250 23.45 12.94 13.30
C ILE A 250 23.04 14.40 13.13
N GLY A 251 22.70 14.77 11.90
CA GLY A 251 22.33 16.14 11.59
C GLY A 251 20.83 16.34 11.44
N ASN A 252 20.38 16.61 10.22
CA ASN A 252 18.97 16.85 9.97
C ASN A 252 18.14 15.57 10.05
N GLU A 253 18.81 14.43 10.11
CA GLU A 253 18.13 13.14 10.22
C GLU A 253 17.37 13.06 11.54
N ARG A 254 17.74 13.92 12.49
CA ARG A 254 17.05 13.98 13.77
C ARG A 254 15.58 14.30 13.60
N PHE A 255 15.28 15.35 12.82
CA PHE A 255 13.91 15.80 12.63
C PHE A 255 13.31 15.33 11.32
N ARG A 256 14.14 14.83 10.41
CA ARG A 256 13.64 14.30 9.15
C ARG A 256 12.98 12.95 9.36
N CYS A 257 13.37 12.25 10.42
CA CYS A 257 12.86 10.93 10.69
C CYS A 257 11.39 10.97 11.11
N PRO A 258 11.06 11.68 12.20
CA PRO A 258 9.65 11.69 12.60
C PRO A 258 8.76 12.52 11.67
N GLU A 259 9.39 13.31 10.78
CA GLU A 259 8.66 14.14 9.84
C GLU A 259 7.76 13.31 8.94
N THR A 260 8.05 12.02 8.83
CA THR A 260 7.31 11.13 7.96
C THR A 260 5.87 10.96 8.44
N LEU A 261 5.65 11.16 9.74
CA LEU A 261 4.31 11.06 10.31
C LEU A 261 3.37 12.12 9.75
N PHE A 262 3.94 13.26 9.37
CA PHE A 262 3.15 14.36 8.80
C PHE A 262 3.20 14.31 7.28
N GLN A 263 4.29 13.80 6.74
CA GLN A 263 4.42 13.60 5.30
C GLN A 263 4.83 12.16 4.98
N PRO A 264 3.84 11.24 4.92
CA PRO A 264 4.11 9.85 4.58
C PRO A 264 4.73 9.68 3.18
N SER A 265 4.61 10.71 2.35
CA SER A 265 5.12 10.66 0.98
C SER A 265 6.64 10.47 0.93
N PHE A 266 7.32 10.73 2.04
CA PHE A 266 8.76 10.56 2.10
C PHE A 266 9.19 9.11 1.90
N ILE A 267 8.29 8.18 2.22
CA ILE A 267 8.58 6.76 2.08
C ILE A 267 7.66 6.11 1.04
N GLY A 268 7.11 6.93 0.15
CA GLY A 268 6.28 6.42 -0.92
C GLY A 268 4.85 6.15 -0.52
N MET A 269 4.55 6.37 0.76
CA MET A 269 3.20 6.21 1.26
C MET A 269 2.37 7.41 0.84
N GLU A 270 1.37 7.18 0.00
CA GLU A 270 0.52 8.26 -0.49
C GLU A 270 -0.73 8.38 0.35
N SER A 271 -0.54 8.67 1.63
CA SER A 271 -1.64 8.88 2.57
C SER A 271 -1.43 10.19 3.30
N ALA A 272 -2.46 10.64 4.01
CA ALA A 272 -2.40 11.90 4.73
C ALA A 272 -1.60 11.76 6.02
N GLY A 273 -1.05 12.88 6.49
CA GLY A 273 -0.25 12.89 7.70
C GLY A 273 -1.10 12.69 8.94
N ILE A 274 -0.46 12.59 10.09
CA ILE A 274 -1.18 12.35 11.34
C ILE A 274 -2.04 13.55 11.71
N HIS A 275 -1.64 14.74 11.29
CA HIS A 275 -2.39 15.94 11.57
C HIS A 275 -3.65 16.02 10.72
N GLU A 276 -3.53 15.59 9.47
CA GLU A 276 -4.65 15.63 8.54
C GLU A 276 -5.66 14.51 8.82
N THR A 277 -5.16 13.33 9.18
CA THR A 277 -6.03 12.21 9.52
C THR A 277 -6.80 12.51 10.81
N THR A 278 -6.20 13.31 11.68
CA THR A 278 -6.87 13.76 12.90
C THR A 278 -8.03 14.68 12.51
N TYR A 279 -7.75 15.64 11.63
CA TYR A 279 -8.76 16.55 11.14
C TYR A 279 -9.88 15.80 10.42
N ASN A 280 -9.50 14.92 9.51
CA ASN A 280 -10.48 14.15 8.74
C ASN A 280 -11.34 13.27 9.63
N SER A 281 -10.74 12.75 10.71
CA SER A 281 -11.48 11.92 11.65
C SER A 281 -12.56 12.74 12.32
N ILE A 282 -12.19 13.91 12.83
CA ILE A 282 -13.13 14.79 13.51
C ILE A 282 -14.27 15.21 12.57
N MET A 283 -13.95 15.44 11.31
CA MET A 283 -14.93 15.92 10.35
C MET A 283 -15.86 14.80 9.86
N LYS A 284 -15.62 13.58 10.30
CA LYS A 284 -16.54 12.47 10.03
C LYS A 284 -17.53 12.31 11.18
N CYS A 285 -17.23 12.93 12.31
CA CYS A 285 -18.10 12.87 13.48
C CYS A 285 -19.25 13.86 13.36
N ASP A 286 -20.28 13.65 14.17
CA ASP A 286 -21.41 14.57 14.23
C ASP A 286 -20.94 15.97 14.64
N ILE A 287 -21.54 16.99 14.06
CA ILE A 287 -21.07 18.37 14.19
C ILE A 287 -21.03 18.84 15.64
N ASP A 288 -21.97 18.35 16.44
CA ASP A 288 -22.16 18.87 17.79
C ASP A 288 -21.03 18.52 18.76
N ILE A 289 -20.29 17.44 18.47
CA ILE A 289 -19.26 16.96 19.39
C ILE A 289 -17.85 17.32 18.91
N ARG A 290 -17.75 17.90 17.72
CA ARG A 290 -16.44 18.20 17.14
C ARG A 290 -15.61 19.17 17.97
N LYS A 291 -16.27 20.16 18.57
CA LYS A 291 -15.56 21.13 19.38
C LYS A 291 -14.99 20.49 20.63
N ASP A 292 -15.59 19.36 21.05
CA ASP A 292 -15.10 18.62 22.21
C ASP A 292 -13.90 17.75 21.83
N LEU A 293 -13.92 17.21 20.62
CA LEU A 293 -12.80 16.42 20.12
C LEU A 293 -11.58 17.31 19.92
N TYR A 294 -11.81 18.50 19.36
CA TYR A 294 -10.74 19.47 19.13
C TYR A 294 -10.03 19.84 20.43
N ALA A 295 -10.79 19.90 21.52
CA ALA A 295 -10.26 20.34 22.81
C ALA A 295 -9.71 19.17 23.62
N ASN A 296 -9.76 17.97 23.05
CA ASN A 296 -9.25 16.77 23.73
C ASN A 296 -8.54 15.82 22.78
N ASN A 297 -7.44 16.29 22.21
CA ASN A 297 -6.59 15.46 21.37
C ASN A 297 -5.54 14.76 22.22
N VAL A 298 -5.76 13.48 22.50
CA VAL A 298 -4.86 12.71 23.36
C VAL A 298 -3.86 11.91 22.53
N MET A 299 -2.59 11.97 22.92
CA MET A 299 -1.53 11.26 22.24
C MET A 299 -1.24 9.95 22.96
N SER A 300 -1.11 8.87 22.19
CA SER A 300 -0.89 7.53 22.74
C SER A 300 0.10 6.76 21.90
N GLY A 301 0.96 5.98 22.56
CA GLY A 301 1.94 5.17 21.87
C GLY A 301 3.33 5.76 21.93
N GLY A 302 4.35 4.92 21.74
CA GLY A 302 5.72 5.34 21.85
C GLY A 302 6.18 6.25 20.72
N THR A 303 5.57 6.12 19.56
CA THR A 303 5.95 6.92 18.40
C THR A 303 5.55 8.38 18.59
N THR A 304 4.68 8.64 19.57
CA THR A 304 4.27 10.00 19.89
C THR A 304 5.16 10.61 20.99
N MET A 305 6.33 10.00 21.20
CA MET A 305 7.23 10.44 22.27
C MET A 305 8.25 11.45 21.80
N TYR A 306 8.24 11.76 20.51
CA TYR A 306 9.17 12.74 19.96
C TYR A 306 8.95 14.11 20.60
N PRO A 307 10.02 14.75 21.10
CA PRO A 307 9.86 16.11 21.62
C PRO A 307 9.38 17.07 20.53
N GLY A 308 8.47 17.96 20.89
CA GLY A 308 7.98 18.98 19.97
C GLY A 308 6.85 18.49 19.07
N ILE A 309 6.38 17.27 19.29
CA ILE A 309 5.33 16.71 18.46
C ILE A 309 3.98 17.35 18.78
N ALA A 310 3.83 17.80 20.03
CA ALA A 310 2.60 18.44 20.47
C ALA A 310 2.47 19.85 19.92
N ASP A 311 3.59 20.59 19.91
CA ASP A 311 3.59 21.95 19.37
C ASP A 311 3.36 21.92 17.86
N ARG A 312 3.88 20.90 17.20
CA ARG A 312 3.68 20.74 15.76
C ARG A 312 2.25 20.35 15.46
N MET A 313 1.67 19.51 16.30
CA MET A 313 0.28 19.09 16.14
C MET A 313 -0.66 20.26 16.40
N GLN A 314 -0.33 21.06 17.42
CA GLN A 314 -1.09 22.26 17.73
C GLN A 314 -1.11 23.21 16.54
N LYS A 315 0.06 23.42 15.95
CA LYS A 315 0.21 24.33 14.82
C LYS A 315 -0.57 23.85 13.59
N GLU A 316 -0.43 22.57 13.26
CA GLU A 316 -0.98 22.06 12.02
C GLU A 316 -2.50 21.90 12.07
N ILE A 317 -3.03 21.45 13.21
CA ILE A 317 -4.48 21.28 13.36
C ILE A 317 -5.15 22.65 13.30
N THR A 318 -4.56 23.61 13.99
CA THR A 318 -5.05 24.99 13.98
C THR A 318 -5.17 25.52 12.55
N ALA A 319 -4.13 25.29 11.76
CA ALA A 319 -4.09 25.79 10.39
C ALA A 319 -5.16 25.14 9.51
N LEU A 320 -5.72 24.03 9.97
CA LEU A 320 -6.74 23.30 9.21
C LEU A 320 -8.15 23.59 9.71
N ALA A 321 -8.26 24.05 10.96
CA ALA A 321 -9.56 24.24 11.61
C ALA A 321 -9.98 25.71 11.62
N PRO A 322 -11.29 25.97 11.81
CA PRO A 322 -11.79 27.34 11.96
C PRO A 322 -11.02 28.16 12.99
N SER A 323 -10.85 29.45 12.73
CA SER A 323 -10.06 30.31 13.59
C SER A 323 -10.67 30.47 14.98
N THR A 324 -12.00 30.34 15.06
CA THR A 324 -12.70 30.42 16.34
C THR A 324 -12.56 29.16 17.19
N MET A 325 -11.96 28.12 16.61
CA MET A 325 -11.89 26.82 17.28
C MET A 325 -10.80 26.76 18.35
N LYS A 326 -11.22 26.40 19.57
CA LYS A 326 -10.28 26.15 20.67
C LYS A 326 -9.69 24.76 20.54
N ILE A 327 -8.37 24.70 20.36
CA ILE A 327 -7.68 23.43 20.08
C ILE A 327 -6.63 23.12 21.13
N LYS A 328 -6.76 21.94 21.72
CA LYS A 328 -5.89 21.47 22.80
C LYS A 328 -5.24 20.14 22.43
N ILE A 329 -3.94 20.02 22.69
CA ILE A 329 -3.21 18.78 22.49
C ILE A 329 -2.72 18.25 23.83
N ILE A 330 -3.07 17.01 24.14
CA ILE A 330 -2.68 16.38 25.41
C ILE A 330 -1.65 15.27 25.16
N ALA A 331 -0.44 15.48 25.63
CA ALA A 331 0.63 14.50 25.50
C ALA A 331 1.14 14.06 26.88
N PRO A 332 0.51 13.03 27.46
CA PRO A 332 0.92 12.55 28.79
C PRO A 332 2.34 12.00 28.81
N PRO A 333 3.09 12.20 29.91
CA PRO A 333 4.48 11.73 29.97
C PRO A 333 4.61 10.21 29.98
N GLU A 334 3.52 9.51 30.31
CA GLU A 334 3.53 8.05 30.40
C GLU A 334 2.80 7.42 29.22
N ARG A 335 2.62 8.20 28.15
CA ARG A 335 1.82 7.75 27.02
C ARG A 335 2.42 6.53 26.31
N LYS A 336 3.61 6.13 26.74
CA LYS A 336 4.21 4.90 26.23
C LYS A 336 3.39 3.70 26.69
N TYR A 337 2.84 3.80 27.91
CA TYR A 337 2.05 2.71 28.50
C TYR A 337 0.61 3.14 28.79
N SER A 338 0.09 4.11 28.04
CA SER A 338 -1.29 4.57 28.22
C SER A 338 -2.32 3.46 28.12
N VAL A 339 -2.18 2.62 27.10
CA VAL A 339 -3.17 1.58 26.83
C VAL A 339 -3.27 0.62 28.01
N TRP A 340 -2.13 0.19 28.53
CA TRP A 340 -2.10 -0.77 29.63
C TRP A 340 -2.68 -0.16 30.90
N ILE A 341 -2.26 1.07 31.21
CA ILE A 341 -2.75 1.78 32.39
C ILE A 341 -4.27 1.91 32.33
N GLY A 342 -4.79 2.26 31.15
CA GLY A 342 -6.22 2.39 30.98
C GLY A 342 -6.97 1.11 31.31
N GLY A 343 -6.39 -0.02 30.93
CA GLY A 343 -6.99 -1.31 31.20
C GLY A 343 -6.88 -1.70 32.66
N SER A 344 -5.84 -1.19 33.32
CA SER A 344 -5.62 -1.48 34.73
C SER A 344 -6.70 -0.84 35.60
N ILE A 345 -7.17 0.33 35.20
CA ILE A 345 -8.18 1.05 35.96
C ILE A 345 -9.57 0.55 35.58
N LEU A 346 -9.74 0.17 34.32
CA LEU A 346 -10.99 -0.40 33.85
C LEU A 346 -11.31 -1.69 34.58
N ALA A 347 -10.29 -2.54 34.72
CA ALA A 347 -10.46 -3.84 35.37
C ALA A 347 -10.82 -3.69 36.84
N SER A 348 -10.27 -2.65 37.47
CA SER A 348 -10.50 -2.38 38.88
C SER A 348 -11.74 -1.54 39.11
N LEU A 349 -12.42 -1.16 38.03
CA LEU A 349 -13.59 -0.31 38.13
C LEU A 349 -14.80 -1.14 38.52
N SER A 350 -15.57 -0.63 39.48
CA SER A 350 -16.71 -1.35 40.03
C SER A 350 -17.84 -1.51 39.04
N THR A 351 -18.00 -0.52 38.17
CA THR A 351 -19.10 -0.53 37.20
C THR A 351 -18.72 -1.31 35.94
N PHE A 352 -17.56 -1.98 35.99
CA PHE A 352 -17.07 -2.76 34.87
C PHE A 352 -17.18 -4.26 35.12
N GLN A 353 -17.26 -4.63 36.40
CA GLN A 353 -17.28 -6.04 36.79
C GLN A 353 -18.39 -6.84 36.11
N GLN A 354 -19.49 -6.17 35.79
CA GLN A 354 -20.62 -6.83 35.15
C GLN A 354 -20.39 -7.00 33.64
N MET A 355 -19.26 -6.50 33.15
CA MET A 355 -18.96 -6.56 31.72
C MET A 355 -17.98 -7.68 31.39
N TRP A 356 -17.41 -8.31 32.42
CA TRP A 356 -16.57 -9.50 32.21
C TRP A 356 -17.39 -10.57 31.49
N ILE A 357 -16.70 -11.42 30.73
CA ILE A 357 -17.31 -12.61 30.17
C ILE A 357 -16.76 -13.81 30.92
N THR A 358 -17.62 -14.50 31.66
CA THR A 358 -17.21 -15.61 32.50
C THR A 358 -17.14 -16.94 31.76
N LYS A 359 -16.49 -17.92 32.35
CA LYS A 359 -16.42 -19.27 31.81
C LYS A 359 -17.82 -19.86 31.62
N GLN A 360 -18.68 -19.63 32.61
CA GLN A 360 -20.06 -20.10 32.54
C GLN A 360 -20.83 -19.42 31.43
N GLU A 361 -20.66 -18.11 31.32
CA GLU A 361 -21.32 -17.32 30.28
C GLU A 361 -20.95 -17.78 28.88
N TYR A 362 -19.69 -18.21 28.70
CA TYR A 362 -19.20 -18.65 27.41
C TYR A 362 -19.60 -20.09 27.10
N ASP A 363 -19.70 -20.92 28.13
CA ASP A 363 -20.14 -22.30 27.96
C ASP A 363 -21.62 -22.37 27.61
N GLU A 364 -22.36 -21.32 27.94
CA GLU A 364 -23.80 -21.28 27.68
C GLU A 364 -24.12 -20.70 26.31
N ALA A 365 -23.37 -19.68 25.90
CA ALA A 365 -23.71 -18.90 24.71
C ALA A 365 -22.76 -19.17 23.54
N GLY A 366 -21.47 -19.20 23.82
CA GLY A 366 -20.46 -19.37 22.79
C GLY A 366 -19.76 -18.05 22.51
N PRO A 367 -19.02 -17.97 21.39
CA PRO A 367 -18.33 -16.73 21.02
C PRO A 367 -19.31 -15.60 20.68
N SER A 368 -20.59 -15.93 20.60
CA SER A 368 -21.61 -14.95 20.23
C SER A 368 -21.88 -13.93 21.34
N ILE A 369 -21.28 -14.15 22.51
CA ILE A 369 -21.56 -13.33 23.67
C ILE A 369 -20.68 -12.08 23.71
N VAL A 370 -19.57 -12.09 22.97
CA VAL A 370 -18.63 -10.99 23.00
C VAL A 370 -19.18 -9.75 22.32
N HIS A 371 -20.31 -9.91 21.62
CA HIS A 371 -20.97 -8.79 20.96
C HIS A 371 -21.87 -8.05 21.94
N ARG A 372 -22.11 -8.68 23.08
CA ARG A 372 -22.98 -8.14 24.11
C ARG A 372 -22.21 -7.37 25.17
N LYS A 373 -20.92 -7.64 25.25
CA LYS A 373 -20.07 -7.07 26.30
C LYS A 373 -18.98 -6.16 25.73
N CYS A 374 -18.43 -6.56 24.59
CA CYS A 374 -17.30 -5.85 23.98
C CYS A 374 -17.73 -4.96 22.82
N THR B 5 -7.82 -26.94 -8.39
CA THR B 5 -8.81 -25.93 -8.76
C THR B 5 -8.19 -24.88 -9.68
N THR B 6 -9.02 -24.26 -10.52
CA THR B 6 -8.57 -23.29 -11.50
C THR B 6 -7.94 -22.07 -10.84
N ALA B 7 -6.75 -21.71 -11.30
CA ALA B 7 -6.06 -20.54 -10.80
C ALA B 7 -6.70 -19.27 -11.36
N LEU B 8 -6.42 -18.14 -10.73
CA LEU B 8 -6.92 -16.86 -11.17
C LEU B 8 -5.78 -15.98 -11.67
N VAL B 9 -6.07 -15.21 -12.71
CA VAL B 9 -5.11 -14.25 -13.25
C VAL B 9 -5.73 -12.86 -13.24
N CYS B 10 -5.17 -11.96 -12.43
CA CYS B 10 -5.68 -10.60 -12.32
C CYS B 10 -4.60 -9.59 -12.67
N ASP B 11 -4.76 -8.95 -13.81
CA ASP B 11 -3.84 -7.90 -14.26
C ASP B 11 -4.25 -6.55 -13.71
N ASN B 12 -3.52 -6.08 -12.71
CA ASN B 12 -3.83 -4.82 -12.04
C ASN B 12 -3.37 -3.61 -12.85
N GLY B 13 -4.12 -3.25 -13.88
CA GLY B 13 -3.72 -2.19 -14.78
C GLY B 13 -3.94 -0.81 -14.22
N SER B 14 -3.28 0.18 -14.81
CA SER B 14 -3.37 1.57 -14.37
C SER B 14 -4.73 2.18 -14.70
N GLY B 15 -5.39 1.62 -15.72
CA GLY B 15 -6.68 2.12 -16.15
C GLY B 15 -7.74 1.02 -16.16
N LEU B 16 -7.36 -0.16 -16.65
CA LEU B 16 -8.27 -1.29 -16.73
C LEU B 16 -7.76 -2.48 -15.93
N VAL B 17 -8.67 -3.19 -15.28
CA VAL B 17 -8.32 -4.40 -14.55
C VAL B 17 -8.74 -5.62 -15.36
N LYS B 18 -7.78 -6.29 -15.97
CA LYS B 18 -8.04 -7.51 -16.73
C LYS B 18 -7.95 -8.70 -15.79
N ALA B 19 -9.08 -9.37 -15.56
CA ALA B 19 -9.14 -10.48 -14.63
C ALA B 19 -9.94 -11.65 -15.22
N GLY B 20 -9.53 -12.86 -14.86
CA GLY B 20 -10.20 -14.06 -15.36
C GLY B 20 -9.54 -15.32 -14.85
N PHE B 21 -9.92 -16.46 -15.44
CA PHE B 21 -9.41 -17.75 -15.02
C PHE B 21 -8.25 -18.20 -15.91
N ALA B 22 -7.21 -18.75 -15.29
CA ALA B 22 -6.09 -19.27 -16.04
C ALA B 22 -6.56 -20.45 -16.90
N GLY B 23 -6.17 -20.43 -18.17
CA GLY B 23 -6.55 -21.46 -19.11
C GLY B 23 -7.62 -21.00 -20.10
N ASP B 24 -8.10 -19.77 -19.91
CA ASP B 24 -9.15 -19.23 -20.76
C ASP B 24 -8.61 -18.57 -22.02
N ASP B 25 -9.48 -18.44 -23.01
CA ASP B 25 -9.17 -17.79 -24.26
C ASP B 25 -8.85 -16.31 -24.03
N ALA B 26 -9.67 -15.66 -23.21
CA ALA B 26 -9.53 -14.23 -22.93
C ALA B 26 -9.98 -13.94 -21.50
N PRO B 27 -9.58 -12.77 -20.96
CA PRO B 27 -10.02 -12.41 -19.61
C PRO B 27 -11.54 -12.23 -19.54
N ARG B 28 -12.17 -12.84 -18.55
CA ARG B 28 -13.63 -12.82 -18.43
C ARG B 28 -14.18 -11.46 -18.00
N ALA B 29 -13.40 -10.72 -17.22
CA ALA B 29 -13.85 -9.43 -16.68
C ALA B 29 -12.82 -8.32 -16.94
N VAL B 30 -13.29 -7.21 -17.50
CA VAL B 30 -12.47 -6.04 -17.72
C VAL B 30 -13.21 -4.78 -17.28
N PHE B 31 -12.64 -4.05 -16.32
CA PHE B 31 -13.31 -2.86 -15.79
C PHE B 31 -12.31 -1.80 -15.33
N PRO B 32 -12.75 -0.53 -15.31
CA PRO B 32 -11.88 0.57 -14.88
C PRO B 32 -11.27 0.37 -13.50
N SER B 33 -10.05 0.87 -13.30
CA SER B 33 -9.34 0.72 -12.04
C SER B 33 -9.61 1.91 -11.12
N ILE B 34 -10.86 2.35 -11.07
CA ILE B 34 -11.24 3.51 -10.26
C ILE B 34 -12.20 3.14 -9.13
N VAL B 35 -12.00 3.77 -7.98
CA VAL B 35 -12.85 3.56 -6.82
C VAL B 35 -13.46 4.89 -6.40
N GLY B 36 -14.79 4.96 -6.39
CA GLY B 36 -15.49 6.19 -6.05
C GLY B 36 -16.25 6.11 -4.74
N ARG B 37 -16.10 7.13 -3.92
CA ARG B 37 -16.90 7.27 -2.71
C ARG B 37 -16.92 8.72 -2.22
N PRO B 38 -18.06 9.16 -1.65
CA PRO B 38 -18.23 10.57 -1.25
C PRO B 38 -17.21 11.02 -0.20
N GLN B 49 -25.58 5.74 -2.07
CA GLN B 49 -26.40 4.78 -1.33
C GLN B 49 -25.52 3.85 -0.52
N LYS B 50 -24.41 3.41 -1.11
CA LYS B 50 -23.42 2.58 -0.43
C LYS B 50 -22.19 3.42 -0.05
N ASP B 51 -21.18 2.77 0.52
CA ASP B 51 -20.00 3.48 1.00
C ASP B 51 -18.91 3.58 -0.06
N SER B 52 -19.00 2.76 -1.11
CA SER B 52 -18.01 2.77 -2.17
C SER B 52 -18.51 2.06 -3.44
N TYR B 53 -17.91 2.44 -4.57
CA TYR B 53 -18.19 1.80 -5.85
C TYR B 53 -16.90 1.54 -6.60
N VAL B 54 -16.90 0.54 -7.47
CA VAL B 54 -15.70 0.16 -8.23
C VAL B 54 -16.03 -0.13 -9.69
N GLY B 55 -15.29 0.50 -10.60
CA GLY B 55 -15.41 0.22 -12.01
C GLY B 55 -16.39 1.10 -12.75
N ASP B 56 -17.24 0.49 -13.56
CA ASP B 56 -18.22 1.22 -14.37
C ASP B 56 -19.15 2.09 -13.54
N GLU B 57 -19.77 1.47 -12.53
CA GLU B 57 -20.76 2.19 -11.72
C GLU B 57 -20.11 3.21 -10.79
N ALA B 58 -18.80 3.12 -10.64
CA ALA B 58 -18.06 4.09 -9.83
C ALA B 58 -17.98 5.43 -10.55
N GLN B 59 -17.95 5.39 -11.89
CA GLN B 59 -17.87 6.61 -12.69
C GLN B 59 -19.23 6.96 -13.29
N SER B 60 -20.16 6.00 -13.24
CA SER B 60 -21.53 6.27 -13.64
C SER B 60 -22.15 7.23 -12.62
N LYS B 61 -21.75 7.05 -11.37
CA LYS B 61 -22.19 7.92 -10.28
C LYS B 61 -21.08 8.88 -9.88
N ARG B 62 -20.29 9.31 -10.86
CA ARG B 62 -19.13 10.15 -10.59
C ARG B 62 -19.54 11.47 -9.94
N GLY B 63 -20.81 11.84 -10.12
CA GLY B 63 -21.33 13.11 -9.62
C GLY B 63 -21.52 13.17 -8.13
N ILE B 64 -21.85 12.03 -7.52
CA ILE B 64 -22.09 11.96 -6.08
C ILE B 64 -20.88 11.41 -5.34
N LEU B 65 -19.88 10.95 -6.09
CA LEU B 65 -18.70 10.31 -5.52
C LEU B 65 -17.44 11.15 -5.72
N THR B 66 -16.39 10.78 -5.00
CA THR B 66 -15.04 11.28 -5.24
C THR B 66 -14.20 10.16 -5.82
N LEU B 67 -13.72 10.33 -7.04
CA LEU B 67 -13.06 9.24 -7.76
C LEU B 67 -11.58 9.12 -7.41
N LYS B 68 -11.09 7.88 -7.47
CA LYS B 68 -9.71 7.56 -7.09
C LYS B 68 -9.01 6.71 -8.15
N TYR B 69 -7.76 7.05 -8.42
CA TYR B 69 -6.91 6.28 -9.31
C TYR B 69 -5.78 5.65 -8.50
N PRO B 70 -6.08 4.56 -7.77
CA PRO B 70 -5.09 3.98 -6.86
C PRO B 70 -3.92 3.29 -7.58
N ILE B 71 -4.11 2.91 -8.85
CA ILE B 71 -3.07 2.21 -9.59
C ILE B 71 -2.54 3.03 -10.76
N GLU B 72 -2.84 4.32 -10.81
CA GLU B 72 -2.30 5.15 -11.89
C GLU B 72 -0.79 5.13 -11.86
N HIS B 73 -0.19 5.40 -13.01
CA HIS B 73 1.26 5.38 -13.14
C HIS B 73 1.85 3.99 -12.85
N GLY B 74 1.00 2.96 -12.87
CA GLY B 74 1.43 1.58 -12.80
C GLY B 74 1.53 1.00 -11.39
N ILE B 75 1.89 1.83 -10.42
CA ILE B 75 2.11 1.38 -9.05
C ILE B 75 0.95 1.70 -8.13
N ILE B 76 0.56 0.72 -7.32
CA ILE B 76 -0.51 0.88 -6.33
C ILE B 76 -0.07 1.83 -5.21
N THR B 77 -0.89 2.83 -4.94
CA THR B 77 -0.54 3.87 -3.96
C THR B 77 -1.50 3.88 -2.77
N ASN B 78 -2.73 3.42 -2.99
CA ASN B 78 -3.74 3.35 -1.94
C ASN B 78 -4.25 1.92 -1.78
N TRP B 79 -4.07 1.36 -0.58
CA TRP B 79 -4.37 -0.04 -0.35
C TRP B 79 -5.80 -0.30 0.12
N ASP B 80 -6.47 0.75 0.59
CA ASP B 80 -7.87 0.61 0.98
C ASP B 80 -8.74 0.52 -0.27
N ASP B 81 -8.41 1.33 -1.28
CA ASP B 81 -9.15 1.32 -2.53
C ASP B 81 -8.81 0.07 -3.33
N MET B 82 -7.53 -0.30 -3.32
CA MET B 82 -7.07 -1.47 -4.05
C MET B 82 -7.76 -2.72 -3.53
N GLU B 83 -7.90 -2.79 -2.21
CA GLU B 83 -8.58 -3.89 -1.56
C GLU B 83 -10.01 -3.99 -2.07
N LYS B 84 -10.62 -2.83 -2.32
CA LYS B 84 -11.98 -2.76 -2.85
C LYS B 84 -12.02 -3.23 -4.30
N ILE B 85 -10.95 -2.96 -5.05
CA ILE B 85 -10.87 -3.38 -6.44
C ILE B 85 -10.78 -4.90 -6.52
N TRP B 86 -9.95 -5.49 -5.66
CA TRP B 86 -9.80 -6.93 -5.63
C TRP B 86 -11.09 -7.58 -5.14
N HIS B 87 -11.74 -6.95 -4.17
CA HIS B 87 -13.00 -7.45 -3.65
C HIS B 87 -14.09 -7.44 -4.71
N HIS B 88 -14.08 -6.40 -5.55
CA HIS B 88 -15.02 -6.30 -6.65
C HIS B 88 -14.72 -7.38 -7.69
N THR B 89 -13.44 -7.64 -7.90
CA THR B 89 -13.00 -8.62 -8.89
C THR B 89 -13.50 -10.02 -8.52
N PHE B 90 -13.18 -10.45 -7.31
CA PHE B 90 -13.53 -11.79 -6.86
C PHE B 90 -15.05 -12.01 -6.81
N TYR B 91 -15.72 -11.28 -5.94
CA TYR B 91 -17.13 -11.56 -5.63
C TYR B 91 -18.11 -11.04 -6.67
N ASN B 92 -17.88 -9.84 -7.19
CA ASN B 92 -18.83 -9.21 -8.11
C ASN B 92 -18.60 -9.55 -9.58
N GLU B 93 -17.33 -9.61 -10.00
CA GLU B 93 -17.02 -9.86 -11.42
C GLU B 93 -16.90 -11.35 -11.72
N LEU B 94 -15.91 -12.00 -11.13
CA LEU B 94 -15.66 -13.41 -11.39
C LEU B 94 -16.60 -14.32 -10.60
N ARG B 95 -17.18 -13.79 -9.52
CA ARG B 95 -18.09 -14.55 -8.66
C ARG B 95 -17.46 -15.88 -8.21
N VAL B 96 -16.32 -15.77 -7.56
CA VAL B 96 -15.62 -16.91 -7.01
C VAL B 96 -15.27 -16.65 -5.56
N ALA B 97 -14.84 -17.70 -4.86
CA ALA B 97 -14.36 -17.57 -3.49
C ALA B 97 -12.84 -17.50 -3.54
N PRO B 98 -12.25 -16.34 -3.15
CA PRO B 98 -10.80 -16.20 -3.27
C PRO B 98 -10.04 -17.23 -2.44
N GLU B 99 -10.70 -17.79 -1.43
CA GLU B 99 -10.08 -18.81 -0.59
C GLU B 99 -10.04 -20.18 -1.27
N GLU B 100 -10.70 -20.29 -2.42
CA GLU B 100 -10.79 -21.55 -3.15
C GLU B 100 -10.07 -21.50 -4.50
N HIS B 101 -9.24 -20.47 -4.70
CA HIS B 101 -8.56 -20.28 -5.98
C HIS B 101 -7.16 -19.66 -5.86
N PRO B 102 -6.14 -20.35 -6.39
CA PRO B 102 -4.81 -19.72 -6.49
C PRO B 102 -4.85 -18.48 -7.38
N THR B 103 -4.29 -17.36 -6.93
CA THR B 103 -4.42 -16.09 -7.64
C THR B 103 -3.08 -15.52 -8.06
N LEU B 104 -2.88 -15.43 -9.37
CA LEU B 104 -1.70 -14.79 -9.94
C LEU B 104 -1.95 -13.30 -10.17
N LEU B 105 -1.18 -12.46 -9.48
CA LEU B 105 -1.27 -11.02 -9.64
C LEU B 105 -0.17 -10.53 -10.58
N THR B 106 -0.40 -9.37 -11.20
CA THR B 106 0.62 -8.75 -12.04
C THR B 106 1.03 -7.42 -11.44
N GLU B 107 2.26 -6.99 -11.72
CA GLU B 107 2.78 -5.73 -11.20
C GLU B 107 3.54 -4.97 -12.28
N ALA B 108 3.54 -3.65 -12.17
CA ALA B 108 4.30 -2.82 -13.11
C ALA B 108 5.79 -3.04 -12.88
N PRO B 109 6.61 -2.85 -13.92
CA PRO B 109 8.07 -2.92 -13.76
C PRO B 109 8.61 -1.95 -12.70
N LEU B 110 9.75 -2.31 -12.10
CA LEU B 110 10.39 -1.48 -11.08
C LEU B 110 9.49 -1.24 -9.87
N ASN B 111 8.59 -2.18 -9.60
CA ASN B 111 7.72 -2.10 -8.43
C ASN B 111 8.53 -2.33 -7.15
N PRO B 112 8.53 -1.34 -6.22
CA PRO B 112 9.34 -1.49 -4.99
C PRO B 112 9.07 -2.78 -4.21
N LYS B 113 10.03 -3.17 -3.38
CA LYS B 113 9.98 -4.46 -2.68
C LYS B 113 8.85 -4.50 -1.66
N ALA B 114 8.68 -3.41 -0.91
CA ALA B 114 7.67 -3.35 0.13
C ALA B 114 6.26 -3.40 -0.47
N ASN B 115 6.15 -3.04 -1.74
CA ASN B 115 4.87 -3.04 -2.43
C ASN B 115 4.36 -4.47 -2.64
N ARG B 116 5.21 -5.33 -3.19
CA ARG B 116 4.81 -6.71 -3.45
C ARG B 116 4.67 -7.50 -2.15
N GLU B 117 5.30 -7.02 -1.09
CA GLU B 117 5.11 -7.62 0.23
C GLU B 117 3.68 -7.42 0.71
N LYS B 118 3.18 -6.20 0.52
CA LYS B 118 1.83 -5.86 0.97
C LYS B 118 0.78 -6.43 0.02
N MET B 119 1.12 -6.58 -1.25
CA MET B 119 0.24 -7.24 -2.19
C MET B 119 0.01 -8.67 -1.74
N THR B 120 1.10 -9.33 -1.33
CA THR B 120 1.03 -10.70 -0.86
C THR B 120 0.31 -10.77 0.47
N GLN B 121 0.61 -9.81 1.35
CA GLN B 121 0.02 -9.76 2.68
C GLN B 121 -1.49 -9.67 2.61
N ILE B 122 -2.01 -8.77 1.77
CA ILE B 122 -3.45 -8.59 1.64
C ILE B 122 -4.10 -9.85 1.05
N MET B 123 -3.40 -10.54 0.15
CA MET B 123 -3.97 -11.73 -0.47
C MET B 123 -4.19 -12.85 0.54
N PHE B 124 -3.28 -12.99 1.49
CA PHE B 124 -3.37 -14.07 2.48
C PHE B 124 -4.17 -13.66 3.70
N GLU B 125 -3.84 -12.51 4.27
CA GLU B 125 -4.44 -12.08 5.53
C GLU B 125 -5.86 -11.54 5.38
N THR B 126 -6.20 -11.04 4.19
CA THR B 126 -7.51 -10.43 3.97
C THR B 126 -8.42 -11.30 3.10
N PHE B 127 -7.86 -11.93 2.07
CA PHE B 127 -8.65 -12.74 1.14
C PHE B 127 -8.46 -14.25 1.34
N ASN B 128 -7.43 -14.62 2.11
CA ASN B 128 -7.18 -16.02 2.44
C ASN B 128 -7.02 -16.92 1.23
N VAL B 129 -6.26 -16.47 0.23
CA VAL B 129 -6.02 -17.29 -0.95
C VAL B 129 -5.17 -18.52 -0.59
N PRO B 130 -5.41 -19.65 -1.28
CA PRO B 130 -4.59 -20.85 -1.05
C PRO B 130 -3.17 -20.67 -1.54
N ALA B 131 -3.02 -20.04 -2.70
CA ALA B 131 -1.71 -19.75 -3.26
C ALA B 131 -1.76 -18.49 -4.10
N MET B 132 -0.61 -17.83 -4.24
CA MET B 132 -0.55 -16.64 -5.09
C MET B 132 0.87 -16.38 -5.59
N TYR B 133 0.99 -15.40 -6.48
CA TYR B 133 2.26 -15.04 -7.10
C TYR B 133 2.14 -13.66 -7.72
N VAL B 134 3.26 -12.93 -7.78
CA VAL B 134 3.28 -11.60 -8.38
C VAL B 134 4.27 -11.55 -9.54
N ALA B 135 3.74 -11.39 -10.75
CA ALA B 135 4.56 -11.38 -11.96
C ALA B 135 4.66 -9.97 -12.55
N ILE B 136 5.80 -9.65 -13.16
CA ILE B 136 5.97 -8.37 -13.82
C ILE B 136 5.22 -8.40 -15.15
N GLN B 137 4.38 -7.39 -15.37
CA GLN B 137 3.46 -7.34 -16.50
C GLN B 137 4.17 -7.50 -17.84
N ALA B 138 5.23 -6.74 -18.05
CA ALA B 138 5.98 -6.79 -19.31
C ALA B 138 6.51 -8.20 -19.57
N VAL B 139 6.93 -8.88 -18.52
CA VAL B 139 7.50 -10.22 -18.64
C VAL B 139 6.46 -11.21 -19.14
N LEU B 140 5.22 -11.07 -18.66
CA LEU B 140 4.14 -11.96 -19.08
C LEU B 140 3.83 -11.76 -20.56
N SER B 141 3.88 -10.51 -21.01
CA SER B 141 3.58 -10.20 -22.41
C SER B 141 4.57 -10.90 -23.34
N LEU B 142 5.83 -10.97 -22.91
CA LEU B 142 6.87 -11.62 -23.70
C LEU B 142 6.60 -13.11 -23.83
N TYR B 143 6.13 -13.72 -22.74
CA TYR B 143 5.82 -15.15 -22.75
C TYR B 143 4.67 -15.43 -23.71
N ALA B 144 3.72 -14.49 -23.76
CA ALA B 144 2.53 -14.66 -24.59
C ALA B 144 2.89 -14.66 -26.07
N SER B 145 4.02 -14.03 -26.40
CA SER B 145 4.50 -13.99 -27.77
C SER B 145 5.25 -15.28 -28.11
N GLY B 146 5.73 -15.95 -27.06
CA GLY B 146 6.48 -17.18 -27.21
C GLY B 146 7.97 -16.95 -27.09
N ARG B 147 8.34 -15.99 -26.25
CA ARG B 147 9.74 -15.60 -26.07
C ARG B 147 10.12 -15.56 -24.59
N THR B 148 11.40 -15.84 -24.33
CA THR B 148 11.98 -15.68 -23.00
C THR B 148 13.04 -14.58 -23.04
N THR B 149 13.36 -14.11 -24.25
CA THR B 149 14.33 -13.05 -24.45
C THR B 149 13.74 -11.99 -25.37
N GLY B 150 13.95 -10.72 -25.03
CA GLY B 150 13.47 -9.62 -25.86
C GLY B 150 13.24 -8.35 -25.06
N ILE B 151 12.93 -7.26 -25.76
CA ILE B 151 12.61 -6.00 -25.12
C ILE B 151 11.17 -5.62 -25.43
N VAL B 152 10.42 -5.31 -24.38
CA VAL B 152 8.99 -5.06 -24.48
C VAL B 152 8.67 -3.58 -24.36
N LEU B 153 7.80 -3.08 -25.23
CA LEU B 153 7.21 -1.76 -25.08
C LEU B 153 5.79 -1.90 -24.55
N ASP B 154 5.64 -1.72 -23.24
CA ASP B 154 4.33 -1.82 -22.60
C ASP B 154 3.73 -0.43 -22.42
N SER B 155 2.74 -0.09 -23.24
CA SER B 155 2.06 1.20 -23.14
C SER B 155 0.58 1.01 -22.82
N GLY B 156 0.20 1.33 -21.59
CA GLY B 156 -1.16 1.11 -21.11
C GLY B 156 -2.00 2.37 -21.08
N ASP B 157 -2.60 2.65 -19.92
CA ASP B 157 -3.44 3.83 -19.74
C ASP B 157 -2.71 4.91 -18.95
N GLY B 158 -2.05 4.51 -17.87
CA GLY B 158 -1.41 5.45 -16.96
C GLY B 158 0.09 5.61 -17.15
N VAL B 159 0.75 4.61 -17.73
CA VAL B 159 2.21 4.63 -17.87
C VAL B 159 2.69 3.80 -19.08
N THR B 160 3.88 4.16 -19.58
CA THR B 160 4.52 3.41 -20.65
C THR B 160 5.91 2.94 -20.20
N HIS B 161 6.17 1.64 -20.35
CA HIS B 161 7.45 1.05 -19.96
C HIS B 161 8.22 0.43 -21.11
N ASN B 162 9.54 0.59 -21.06
CA ASN B 162 10.46 -0.16 -21.90
C ASN B 162 11.20 -1.16 -21.02
N VAL B 163 10.95 -2.45 -21.23
CA VAL B 163 11.48 -3.49 -20.36
C VAL B 163 12.27 -4.54 -21.13
N PRO B 164 13.61 -4.54 -20.99
CA PRO B 164 14.43 -5.59 -21.59
C PRO B 164 14.46 -6.85 -20.73
N ILE B 165 14.14 -7.99 -21.35
CA ILE B 165 14.05 -9.26 -20.66
C ILE B 165 15.01 -10.27 -21.29
N TYR B 166 15.90 -10.82 -20.47
CA TYR B 166 16.88 -11.78 -20.94
C TYR B 166 16.77 -13.11 -20.21
N GLU B 167 16.61 -14.18 -20.97
CA GLU B 167 16.47 -15.52 -20.42
C GLU B 167 15.29 -15.62 -19.47
N GLY B 168 14.23 -14.88 -19.78
CA GLY B 168 12.99 -14.96 -19.03
C GLY B 168 12.91 -14.04 -17.82
N TYR B 169 13.94 -13.22 -17.62
CA TYR B 169 14.00 -12.30 -16.49
C TYR B 169 14.29 -10.88 -16.92
N ALA B 170 13.47 -9.95 -16.43
CA ALA B 170 13.61 -8.54 -16.77
C ALA B 170 14.88 -7.98 -16.15
N LEU B 171 15.50 -7.04 -16.85
CA LEU B 171 16.75 -6.44 -16.39
C LEU B 171 16.48 -5.04 -15.82
N PRO B 172 16.28 -4.95 -14.50
CA PRO B 172 15.78 -3.73 -13.85
C PRO B 172 16.57 -2.45 -14.15
N HIS B 173 17.89 -2.55 -14.25
CA HIS B 173 18.73 -1.36 -14.43
C HIS B 173 18.56 -0.76 -15.82
N ALA B 174 18.01 -1.53 -16.75
CA ALA B 174 17.82 -1.07 -18.13
C ALA B 174 16.35 -0.71 -18.41
N ILE B 175 15.50 -0.84 -17.40
CA ILE B 175 14.09 -0.52 -17.56
C ILE B 175 13.87 0.98 -17.62
N MET B 176 13.11 1.43 -18.61
CA MET B 176 12.77 2.84 -18.78
C MET B 176 11.29 3.06 -18.46
N ARG B 177 11.00 4.17 -17.79
CA ARG B 177 9.64 4.52 -17.41
C ARG B 177 9.21 5.84 -18.02
N LEU B 178 8.23 5.77 -18.91
CA LEU B 178 7.63 6.96 -19.51
C LEU B 178 6.21 7.18 -18.98
N ASP B 179 6.03 8.22 -18.18
CA ASP B 179 4.70 8.56 -17.64
C ASP B 179 3.82 9.18 -18.72
N LEU B 180 3.65 8.48 -19.83
CA LEU B 180 2.85 8.96 -20.96
C LEU B 180 2.18 7.79 -21.63
N ALA B 181 0.85 7.76 -21.58
CA ALA B 181 0.08 6.68 -22.17
C ALA B 181 -1.27 7.18 -22.70
N GLY B 182 -2.16 6.24 -23.01
CA GLY B 182 -3.42 6.55 -23.65
C GLY B 182 -4.27 7.58 -22.94
N ARG B 183 -4.14 7.66 -21.62
CA ARG B 183 -4.88 8.63 -20.83
C ARG B 183 -4.47 10.05 -21.19
N ASP B 184 -3.16 10.28 -21.24
CA ASP B 184 -2.62 11.57 -21.63
C ASP B 184 -3.01 11.85 -23.08
N LEU B 185 -3.02 10.81 -23.89
CA LEU B 185 -3.36 10.94 -25.30
C LEU B 185 -4.82 11.32 -25.47
N THR B 186 -5.70 10.69 -24.68
CA THR B 186 -7.12 11.00 -24.75
C THR B 186 -7.35 12.48 -24.43
N ASP B 187 -6.70 12.96 -23.37
CA ASP B 187 -6.82 14.36 -23.00
C ASP B 187 -6.31 15.29 -24.08
N TYR B 188 -5.17 14.93 -24.66
CA TYR B 188 -4.57 15.72 -25.71
C TYR B 188 -5.50 15.82 -26.92
N LEU B 189 -6.18 14.73 -27.24
CA LEU B 189 -7.08 14.70 -28.38
C LEU B 189 -8.29 15.60 -28.16
N MET B 190 -8.73 15.72 -26.90
CA MET B 190 -9.81 16.63 -26.56
C MET B 190 -9.37 18.06 -26.86
N LYS B 191 -8.17 18.39 -26.39
CA LYS B 191 -7.61 19.72 -26.53
C LYS B 191 -7.56 20.15 -27.99
N ILE B 192 -6.92 19.35 -28.83
CA ILE B 192 -6.69 19.74 -30.21
C ILE B 192 -7.96 19.64 -31.04
N LEU B 193 -8.93 18.84 -30.60
CA LEU B 193 -10.24 18.81 -31.25
C LEU B 193 -11.02 20.05 -30.89
N THR B 194 -10.83 20.52 -29.66
CA THR B 194 -11.48 21.74 -29.18
C THR B 194 -10.91 22.95 -29.90
N GLU B 195 -9.61 22.92 -30.15
CA GLU B 195 -8.93 24.01 -30.83
C GLU B 195 -9.39 24.17 -32.27
N ARG B 196 -9.89 23.09 -32.86
CA ARG B 196 -10.29 23.10 -34.26
C ARG B 196 -11.67 23.70 -34.44
N GLY B 197 -12.47 23.72 -33.39
CA GLY B 197 -13.78 24.35 -33.42
C GLY B 197 -14.83 23.66 -32.57
N TYR B 198 -14.53 22.46 -32.11
CA TYR B 198 -15.47 21.70 -31.28
C TYR B 198 -15.30 22.08 -29.81
N SER B 199 -16.00 21.36 -28.94
CA SER B 199 -15.90 21.59 -27.50
C SER B 199 -16.07 20.30 -26.72
N PHE B 200 -14.96 19.59 -26.54
CA PHE B 200 -14.92 18.39 -25.69
C PHE B 200 -14.18 18.71 -24.40
N VAL B 201 -14.95 18.99 -23.35
CA VAL B 201 -14.39 19.45 -22.08
C VAL B 201 -14.83 18.56 -20.91
N THR B 202 -16.09 18.16 -20.92
CA THR B 202 -16.66 17.43 -19.78
C THR B 202 -16.15 16.00 -19.69
N THR B 203 -16.28 15.42 -18.51
CA THR B 203 -15.84 14.04 -18.27
C THR B 203 -16.64 13.06 -19.12
N ALA B 204 -17.91 13.37 -19.36
CA ALA B 204 -18.76 12.52 -20.17
C ALA B 204 -18.31 12.57 -21.63
N GLU B 205 -17.77 13.72 -22.04
CA GLU B 205 -17.26 13.89 -23.39
C GLU B 205 -15.91 13.21 -23.57
N ARG B 206 -15.21 13.01 -22.47
CA ARG B 206 -13.92 12.33 -22.48
C ARG B 206 -14.06 10.89 -22.96
N GLU B 207 -15.10 10.21 -22.48
CA GLU B 207 -15.33 8.82 -22.88
C GLU B 207 -15.72 8.74 -24.34
N ILE B 208 -16.26 9.83 -24.88
CA ILE B 208 -16.61 9.88 -26.29
C ILE B 208 -15.34 10.05 -27.11
N VAL B 209 -14.48 10.97 -26.69
CA VAL B 209 -13.23 11.23 -27.40
C VAL B 209 -12.33 10.00 -27.37
N ARG B 210 -12.35 9.26 -26.26
CA ARG B 210 -11.56 8.04 -26.17
C ARG B 210 -12.00 7.04 -27.22
N ASP B 211 -13.29 7.01 -27.50
CA ASP B 211 -13.81 6.08 -28.50
C ASP B 211 -13.36 6.51 -29.90
N ILE B 212 -13.25 7.82 -30.10
CA ILE B 212 -12.74 8.36 -31.35
C ILE B 212 -11.29 7.93 -31.52
N LYS B 213 -10.53 8.06 -30.43
CA LYS B 213 -9.13 7.70 -30.40
C LYS B 213 -8.91 6.24 -30.76
N GLU B 214 -9.71 5.36 -30.19
CA GLU B 214 -9.55 3.92 -30.39
C GLU B 214 -10.05 3.46 -31.75
N LYS B 215 -10.87 4.28 -32.40
CA LYS B 215 -11.52 3.88 -33.65
C LYS B 215 -10.98 4.58 -34.90
N LEU B 216 -10.37 5.75 -34.73
CA LEU B 216 -9.96 6.57 -35.88
C LEU B 216 -8.49 6.99 -35.91
N CYS B 217 -7.82 7.07 -34.76
CA CYS B 217 -6.43 7.49 -34.74
C CYS B 217 -5.50 6.43 -35.32
N TYR B 218 -4.30 6.85 -35.70
CA TYR B 218 -3.30 5.97 -36.27
C TYR B 218 -1.93 6.67 -36.22
N VAL B 219 -0.85 5.90 -36.26
CA VAL B 219 0.49 6.48 -36.23
C VAL B 219 1.00 6.76 -37.64
N ALA B 220 1.44 7.99 -37.86
CA ALA B 220 1.97 8.41 -39.15
C ALA B 220 3.40 7.88 -39.37
N LEU B 221 3.66 7.32 -40.55
CA LEU B 221 4.99 6.87 -40.89
C LEU B 221 5.96 8.05 -40.89
N ASP B 222 5.57 9.11 -41.60
CA ASP B 222 6.27 10.39 -41.55
C ASP B 222 5.28 11.47 -41.13
N PHE B 223 5.59 12.16 -40.03
CA PHE B 223 4.66 13.13 -39.47
C PHE B 223 4.41 14.31 -40.41
N GLU B 224 5.48 14.94 -40.88
CA GLU B 224 5.34 16.14 -41.70
C GLU B 224 4.61 15.85 -43.01
N ASN B 225 4.89 14.70 -43.62
CA ASN B 225 4.22 14.34 -44.86
C ASN B 225 2.72 14.20 -44.68
N GLU B 226 2.30 13.65 -43.54
CA GLU B 226 0.88 13.50 -43.25
C GLU B 226 0.23 14.85 -42.99
N MET B 227 0.95 15.72 -42.30
CA MET B 227 0.47 17.08 -42.04
C MET B 227 0.25 17.82 -43.35
N ALA B 228 1.09 17.52 -44.34
CA ALA B 228 1.01 18.15 -45.64
C ALA B 228 -0.14 17.58 -46.47
N THR B 229 -0.37 16.28 -46.34
CA THR B 229 -1.50 15.64 -47.02
C THR B 229 -2.82 16.13 -46.43
N ALA B 230 -2.78 16.55 -45.17
CA ALA B 230 -3.97 17.01 -44.48
C ALA B 230 -4.28 18.47 -44.79
N ALA B 231 -3.23 19.27 -44.99
CA ALA B 231 -3.38 20.69 -45.25
C ALA B 231 -3.78 20.97 -46.68
N SER B 232 -3.58 19.99 -47.56
CA SER B 232 -3.75 20.18 -49.00
C SER B 232 -4.95 19.42 -49.57
N SER B 233 -5.42 18.43 -48.83
CA SER B 233 -6.60 17.65 -49.24
C SER B 233 -7.47 17.34 -48.04
N SER B 234 -8.47 16.50 -48.26
CA SER B 234 -9.38 16.05 -47.20
C SER B 234 -9.53 14.53 -47.30
N SER B 235 -8.49 13.88 -47.79
CA SER B 235 -8.52 12.43 -48.00
C SER B 235 -8.29 11.69 -46.68
N LEU B 236 -7.67 12.37 -45.72
CA LEU B 236 -7.37 11.77 -44.43
C LEU B 236 -8.49 12.03 -43.43
N GLU B 237 -9.41 12.93 -43.78
CA GLU B 237 -10.50 13.28 -42.87
C GLU B 237 -11.47 12.13 -42.71
N LYS B 238 -11.90 11.90 -41.47
CA LYS B 238 -12.90 10.88 -41.17
C LYS B 238 -14.07 11.49 -40.40
N SER B 239 -15.27 11.01 -40.66
CA SER B 239 -16.46 11.46 -39.95
C SER B 239 -16.74 10.55 -38.76
N TYR B 240 -17.39 11.11 -37.74
CA TYR B 240 -17.71 10.36 -36.53
C TYR B 240 -19.04 10.83 -35.94
N GLU B 241 -19.98 9.90 -35.82
CA GLU B 241 -21.30 10.21 -35.31
C GLU B 241 -21.36 10.16 -33.79
N LEU B 242 -21.70 11.29 -33.18
CA LEU B 242 -21.86 11.37 -31.73
C LEU B 242 -23.12 10.62 -31.30
N PRO B 243 -23.23 10.31 -30.00
CA PRO B 243 -24.44 9.65 -29.49
C PRO B 243 -25.72 10.45 -29.74
N ASP B 244 -25.63 11.78 -29.77
CA ASP B 244 -26.82 12.60 -30.01
C ASP B 244 -27.08 12.81 -31.50
N GLY B 245 -26.44 12.00 -32.34
CA GLY B 245 -26.69 12.02 -33.77
C GLY B 245 -25.82 12.99 -34.56
N GLN B 246 -25.22 13.95 -33.87
CA GLN B 246 -24.37 14.93 -34.53
C GLN B 246 -23.14 14.27 -35.15
N VAL B 247 -22.85 14.64 -36.40
CA VAL B 247 -21.71 14.10 -37.13
C VAL B 247 -20.57 15.11 -37.16
N ILE B 248 -19.42 14.71 -36.62
CA ILE B 248 -18.22 15.56 -36.64
C ILE B 248 -17.16 14.98 -37.55
N THR B 249 -16.16 15.81 -37.88
CA THR B 249 -15.09 15.43 -38.80
C THR B 249 -13.72 15.63 -38.17
N ILE B 250 -12.91 14.57 -38.16
CA ILE B 250 -11.56 14.62 -37.60
C ILE B 250 -10.53 14.58 -38.73
N GLY B 251 -9.63 15.55 -38.72
CA GLY B 251 -8.62 15.66 -39.77
C GLY B 251 -7.26 15.13 -39.36
N ASN B 252 -6.29 16.03 -39.23
CA ASN B 252 -4.94 15.62 -38.87
C ASN B 252 -4.83 15.22 -37.40
N GLU B 253 -5.88 15.48 -36.63
CA GLU B 253 -5.90 15.11 -35.21
C GLU B 253 -5.80 13.60 -35.06
N ARG B 254 -6.11 12.86 -36.13
CA ARG B 254 -6.02 11.41 -36.11
C ARG B 254 -4.62 10.93 -35.80
N PHE B 255 -3.63 11.50 -36.49
CA PHE B 255 -2.24 11.06 -36.33
C PHE B 255 -1.44 12.00 -35.44
N ARG B 256 -2.00 13.15 -35.10
CA ARG B 256 -1.32 14.08 -34.20
C ARG B 256 -1.40 13.59 -32.77
N CYS B 257 -2.43 12.79 -32.48
CA CYS B 257 -2.66 12.31 -31.12
C CYS B 257 -1.60 11.30 -30.70
N PRO B 258 -1.47 10.18 -31.44
CA PRO B 258 -0.47 9.20 -31.01
C PRO B 258 0.97 9.64 -31.29
N GLU B 259 1.14 10.70 -32.08
CA GLU B 259 2.46 11.23 -32.39
C GLU B 259 3.17 11.69 -31.12
N THR B 260 2.40 11.95 -30.07
CA THR B 260 2.96 12.42 -28.81
C THR B 260 3.84 11.34 -28.17
N LEU B 261 3.57 10.08 -28.51
CA LEU B 261 4.36 8.97 -28.01
C LEU B 261 5.80 9.06 -28.50
N PHE B 262 5.99 9.66 -29.66
CA PHE B 262 7.33 9.82 -30.25
C PHE B 262 7.91 11.19 -29.92
N GLN B 263 7.03 12.17 -29.80
CA GLN B 263 7.42 13.53 -29.40
C GLN B 263 6.56 13.98 -28.22
N PRO B 264 6.96 13.60 -26.99
CA PRO B 264 6.23 14.00 -25.79
C PRO B 264 6.21 15.52 -25.62
N SER B 265 7.08 16.22 -26.34
CA SER B 265 7.18 17.67 -26.23
C SER B 265 5.88 18.38 -26.61
N PHE B 266 4.98 17.69 -27.31
CA PHE B 266 3.71 18.26 -27.72
C PHE B 266 2.81 18.63 -26.55
N ILE B 267 3.01 17.95 -25.41
CA ILE B 267 2.18 18.18 -24.22
C ILE B 267 3.00 18.73 -23.06
N GLY B 268 4.15 19.31 -23.36
CA GLY B 268 4.99 19.93 -22.34
C GLY B 268 5.86 18.93 -21.63
N MET B 269 5.74 17.66 -22.00
CA MET B 269 6.56 16.60 -21.44
C MET B 269 7.97 16.64 -22.05
N GLU B 270 8.96 16.89 -21.19
CA GLU B 270 10.34 16.99 -21.64
C GLU B 270 11.05 15.65 -21.46
N SER B 271 10.54 14.63 -22.15
CA SER B 271 11.12 13.30 -22.13
C SER B 271 11.31 12.77 -23.54
N ALA B 272 12.04 11.65 -23.66
CA ALA B 272 12.29 11.02 -24.94
C ALA B 272 11.07 10.23 -25.39
N GLY B 273 10.95 10.04 -26.70
CA GLY B 273 9.84 9.29 -27.26
C GLY B 273 9.97 7.81 -26.98
N ILE B 274 8.96 7.04 -27.38
CA ILE B 274 8.95 5.60 -27.12
C ILE B 274 10.03 4.87 -27.93
N HIS B 275 10.39 5.43 -29.08
CA HIS B 275 11.42 4.83 -29.93
C HIS B 275 12.80 5.07 -29.34
N GLU B 276 12.99 6.25 -28.76
CA GLU B 276 14.27 6.64 -28.19
C GLU B 276 14.53 5.92 -26.87
N THR B 277 13.48 5.76 -26.06
CA THR B 277 13.59 5.03 -24.80
C THR B 277 13.89 3.55 -25.02
N THR B 278 13.42 3.02 -26.16
CA THR B 278 13.71 1.64 -26.54
C THR B 278 15.20 1.48 -26.83
N TYR B 279 15.74 2.42 -27.60
CA TYR B 279 17.16 2.44 -27.92
C TYR B 279 17.98 2.57 -26.64
N ASN B 280 17.60 3.54 -25.81
CA ASN B 280 18.29 3.79 -24.55
C ASN B 280 18.20 2.59 -23.62
N SER B 281 17.06 1.90 -23.66
CA SER B 281 16.86 0.72 -22.84
C SER B 281 17.86 -0.37 -23.23
N ILE B 282 17.94 -0.65 -24.53
CA ILE B 282 18.85 -1.67 -25.04
C ILE B 282 20.29 -1.32 -24.72
N MET B 283 20.63 -0.04 -24.81
CA MET B 283 22.01 0.40 -24.61
C MET B 283 22.44 0.44 -23.15
N LYS B 284 21.53 0.13 -22.23
CA LYS B 284 21.87 -0.01 -20.83
C LYS B 284 22.19 -1.48 -20.53
N CYS B 285 21.80 -2.36 -21.45
CA CYS B 285 22.07 -3.78 -21.32
C CYS B 285 23.49 -4.12 -21.78
N ASP B 286 23.95 -5.31 -21.40
CA ASP B 286 25.25 -5.81 -21.83
C ASP B 286 25.30 -5.92 -23.36
N ILE B 287 26.46 -5.62 -23.94
CA ILE B 287 26.62 -5.51 -25.39
C ILE B 287 26.23 -6.79 -26.11
N ASP B 288 26.46 -7.92 -25.47
CA ASP B 288 26.32 -9.22 -26.13
C ASP B 288 24.87 -9.59 -26.43
N ILE B 289 23.93 -9.03 -25.67
CA ILE B 289 22.52 -9.41 -25.79
C ILE B 289 21.69 -8.35 -26.53
N ARG B 290 22.31 -7.23 -26.86
CA ARG B 290 21.60 -6.12 -27.52
C ARG B 290 21.00 -6.53 -28.86
N LYS B 291 21.72 -7.35 -29.60
CA LYS B 291 21.24 -7.79 -30.92
C LYS B 291 20.00 -8.68 -30.79
N ASP B 292 19.83 -9.29 -29.62
CA ASP B 292 18.67 -10.14 -29.37
C ASP B 292 17.45 -9.26 -29.05
N LEU B 293 17.69 -8.15 -28.36
CA LEU B 293 16.64 -7.20 -28.05
C LEU B 293 16.16 -6.52 -29.32
N TYR B 294 17.11 -6.14 -30.18
CA TYR B 294 16.78 -5.47 -31.43
C TYR B 294 15.91 -6.35 -32.32
N ALA B 295 16.14 -7.65 -32.27
CA ALA B 295 15.44 -8.59 -33.13
C ALA B 295 14.16 -9.11 -32.48
N ASN B 296 13.89 -8.62 -31.27
CA ASN B 296 12.69 -9.04 -30.52
C ASN B 296 12.02 -7.90 -29.77
N ASN B 297 11.54 -6.91 -30.51
CA ASN B 297 10.77 -5.81 -29.94
C ASN B 297 9.29 -6.16 -29.91
N VAL B 298 8.79 -6.55 -28.75
CA VAL B 298 7.39 -6.95 -28.60
C VAL B 298 6.54 -5.80 -28.08
N MET B 299 5.38 -5.58 -28.71
CA MET B 299 4.47 -4.51 -28.35
C MET B 299 3.38 -5.02 -27.40
N SER B 300 3.12 -4.26 -26.35
CA SER B 300 2.14 -4.65 -25.34
C SER B 300 1.32 -3.45 -24.88
N GLY B 301 0.03 -3.66 -24.64
CA GLY B 301 -0.84 -2.62 -24.13
C GLY B 301 -1.75 -2.05 -25.21
N GLY B 302 -2.85 -1.45 -24.78
CA GLY B 302 -3.84 -0.93 -25.71
C GLY B 302 -3.37 0.30 -26.46
N THR B 303 -2.47 1.06 -25.86
CA THR B 303 -1.96 2.27 -26.49
C THR B 303 -1.06 1.92 -27.67
N THR B 304 -0.65 0.66 -27.75
CA THR B 304 0.15 0.19 -28.89
C THR B 304 -0.73 -0.39 -30.00
N MET B 305 -2.03 -0.07 -29.96
CA MET B 305 -2.98 -0.63 -30.91
C MET B 305 -3.19 0.27 -32.12
N TYR B 306 -2.53 1.42 -32.13
CA TYR B 306 -2.65 2.34 -33.26
C TYR B 306 -2.11 1.68 -34.53
N PRO B 307 -2.91 1.68 -35.62
CA PRO B 307 -2.39 1.14 -36.88
C PRO B 307 -1.16 1.88 -37.39
N GLY B 308 -0.18 1.13 -37.89
CA GLY B 308 1.02 1.72 -38.46
C GLY B 308 2.10 2.06 -37.43
N ILE B 309 1.88 1.70 -36.18
CA ILE B 309 2.83 2.01 -35.13
C ILE B 309 4.06 1.11 -35.23
N ALA B 310 3.88 -0.07 -35.80
CA ALA B 310 4.98 -1.02 -35.95
C ALA B 310 5.91 -0.56 -37.06
N ASP B 311 5.33 -0.04 -38.14
CA ASP B 311 6.10 0.47 -39.25
C ASP B 311 6.85 1.74 -38.83
N ARG B 312 6.23 2.53 -37.96
CA ARG B 312 6.87 3.73 -37.45
C ARG B 312 8.00 3.36 -36.49
N MET B 313 7.79 2.30 -35.72
CA MET B 313 8.81 1.81 -34.81
C MET B 313 9.99 1.24 -35.58
N GLN B 314 9.71 0.51 -36.65
CA GLN B 314 10.75 -0.04 -37.50
C GLN B 314 11.63 1.09 -38.07
N LYS B 315 10.98 2.12 -38.59
CA LYS B 315 11.67 3.24 -39.20
C LYS B 315 12.56 4.00 -38.21
N GLU B 316 12.00 4.33 -37.06
CA GLU B 316 12.68 5.18 -36.10
C GLU B 316 13.83 4.48 -35.39
N ILE B 317 13.61 3.21 -35.03
CA ILE B 317 14.63 2.44 -34.33
C ILE B 317 15.83 2.19 -35.25
N THR B 318 15.55 1.87 -36.51
CA THR B 318 16.61 1.66 -37.50
C THR B 318 17.53 2.86 -37.58
N ALA B 319 16.95 4.05 -37.64
CA ALA B 319 17.71 5.29 -37.79
C ALA B 319 18.60 5.57 -36.58
N LEU B 320 18.33 4.88 -35.47
CA LEU B 320 19.10 5.09 -34.24
C LEU B 320 20.17 4.02 -34.07
N ALA B 321 19.97 2.89 -34.74
CA ALA B 321 20.84 1.73 -34.57
C ALA B 321 21.79 1.56 -35.77
N PRO B 322 22.88 0.81 -35.57
CA PRO B 322 23.81 0.46 -36.66
C PRO B 322 23.09 -0.11 -37.89
N SER B 323 23.58 0.22 -39.08
CA SER B 323 22.95 -0.22 -40.32
C SER B 323 23.02 -1.74 -40.45
N THR B 324 24.03 -2.33 -39.82
CA THR B 324 24.22 -3.77 -39.85
C THR B 324 23.24 -4.51 -38.95
N MET B 325 22.53 -3.74 -38.11
CA MET B 325 21.66 -4.33 -37.09
C MET B 325 20.34 -4.82 -37.66
N LYS B 326 20.03 -6.09 -37.43
CA LYS B 326 18.74 -6.65 -37.81
C LYS B 326 17.68 -6.30 -36.78
N ILE B 327 16.66 -5.57 -37.22
CA ILE B 327 15.62 -5.05 -36.32
C ILE B 327 14.24 -5.57 -36.70
N LYS B 328 13.59 -6.19 -35.74
CA LYS B 328 12.28 -6.79 -35.93
C LYS B 328 11.30 -6.21 -34.92
N ILE B 329 10.10 -5.85 -35.39
CA ILE B 329 9.06 -5.34 -34.52
C ILE B 329 7.88 -6.32 -34.51
N ILE B 330 7.51 -6.76 -33.31
CA ILE B 330 6.43 -7.71 -33.13
C ILE B 330 5.23 -7.02 -32.49
N ALA B 331 4.17 -6.89 -33.27
CA ALA B 331 2.92 -6.28 -32.80
C ALA B 331 1.78 -7.29 -32.88
N PRO B 332 1.59 -8.07 -31.81
CA PRO B 332 0.54 -9.09 -31.80
C PRO B 332 -0.87 -8.51 -31.92
N PRO B 333 -1.78 -9.22 -32.61
CA PRO B 333 -3.14 -8.70 -32.77
C PRO B 333 -3.90 -8.65 -31.45
N GLU B 334 -3.43 -9.40 -30.45
CA GLU B 334 -4.09 -9.47 -29.15
C GLU B 334 -3.29 -8.72 -28.10
N ARG B 335 -2.39 -7.84 -28.53
CA ARG B 335 -1.45 -7.20 -27.61
C ARG B 335 -2.14 -6.32 -26.57
N LYS B 336 -3.44 -6.16 -26.69
CA LYS B 336 -4.21 -5.44 -25.68
C LYS B 336 -4.25 -6.24 -24.38
N TYR B 337 -4.32 -7.57 -24.51
CA TYR B 337 -4.39 -8.48 -23.36
C TYR B 337 -3.19 -9.41 -23.28
N SER B 338 -2.06 -8.98 -23.82
CA SER B 338 -0.82 -9.77 -23.76
C SER B 338 -0.46 -10.13 -22.33
N VAL B 339 -0.55 -9.15 -21.44
CA VAL B 339 -0.14 -9.33 -20.06
C VAL B 339 -0.94 -10.44 -19.39
N TRP B 340 -2.26 -10.39 -19.57
CA TRP B 340 -3.14 -11.37 -18.95
C TRP B 340 -2.93 -12.75 -19.53
N ILE B 341 -2.87 -12.83 -20.85
CA ILE B 341 -2.65 -14.11 -21.53
C ILE B 341 -1.34 -14.72 -21.03
N GLY B 342 -0.31 -13.89 -20.90
CA GLY B 342 0.97 -14.35 -20.40
C GLY B 342 0.84 -14.98 -19.03
N GLY B 343 -0.01 -14.39 -18.19
CA GLY B 343 -0.24 -14.92 -16.86
C GLY B 343 -1.10 -16.17 -16.89
N SER B 344 -1.95 -16.28 -17.90
CA SER B 344 -2.85 -17.42 -18.05
C SER B 344 -2.08 -18.69 -18.39
N ILE B 345 -1.03 -18.56 -19.20
CA ILE B 345 -0.24 -19.71 -19.62
C ILE B 345 0.84 -20.04 -18.59
N LEU B 346 1.36 -19.03 -17.92
CA LEU B 346 2.36 -19.22 -16.88
C LEU B 346 1.76 -20.04 -15.73
N ALA B 347 0.53 -19.70 -15.37
CA ALA B 347 -0.16 -20.35 -14.26
C ALA B 347 -0.37 -21.84 -14.51
N SER B 348 -0.61 -22.21 -15.77
CA SER B 348 -0.87 -23.59 -16.13
C SER B 348 0.42 -24.36 -16.41
N LEU B 349 1.56 -23.69 -16.28
CA LEU B 349 2.84 -24.32 -16.56
C LEU B 349 3.30 -25.18 -15.38
N SER B 350 3.73 -26.40 -15.69
CA SER B 350 4.10 -27.37 -14.66
C SER B 350 5.36 -26.96 -13.92
N THR B 351 6.28 -26.29 -14.63
CA THR B 351 7.55 -25.88 -14.04
C THR B 351 7.40 -24.55 -13.30
N PHE B 352 6.17 -24.09 -13.17
CA PHE B 352 5.86 -22.86 -12.43
C PHE B 352 5.15 -23.17 -11.12
N GLN B 353 4.54 -24.36 -11.05
CA GLN B 353 3.75 -24.75 -9.89
C GLN B 353 4.55 -24.66 -8.60
N GLN B 354 5.86 -24.87 -8.71
CA GLN B 354 6.75 -24.82 -7.55
C GLN B 354 7.08 -23.39 -7.14
N MET B 355 6.58 -22.42 -7.90
CA MET B 355 6.88 -21.02 -7.65
C MET B 355 5.72 -20.31 -6.96
N TRP B 356 4.59 -21.00 -6.84
CA TRP B 356 3.46 -20.48 -6.06
C TRP B 356 3.92 -20.23 -4.62
N ILE B 357 3.28 -19.29 -3.95
CA ILE B 357 3.46 -19.09 -2.52
C ILE B 357 2.21 -19.60 -1.85
N THR B 358 2.35 -20.66 -1.06
CA THR B 358 1.21 -21.30 -0.43
C THR B 358 0.85 -20.60 0.88
N LYS B 359 -0.36 -20.87 1.37
CA LYS B 359 -0.80 -20.33 2.65
C LYS B 359 0.14 -20.80 3.76
N GLN B 360 0.54 -22.06 3.69
CA GLN B 360 1.45 -22.63 4.69
C GLN B 360 2.80 -21.92 4.65
N GLU B 361 3.33 -21.74 3.44
CA GLU B 361 4.62 -21.08 3.25
C GLU B 361 4.60 -19.67 3.83
N TYR B 362 3.45 -19.01 3.75
CA TYR B 362 3.29 -17.67 4.29
C TYR B 362 3.06 -17.74 5.79
N ASP B 363 2.39 -18.80 6.23
CA ASP B 363 2.19 -19.04 7.66
C ASP B 363 3.50 -19.41 8.34
N GLU B 364 4.48 -19.85 7.55
CA GLU B 364 5.78 -20.24 8.08
C GLU B 364 6.78 -19.10 8.08
N ALA B 365 6.76 -18.27 7.03
CA ALA B 365 7.80 -17.25 6.84
C ALA B 365 7.29 -15.82 7.04
N GLY B 366 6.13 -15.49 6.48
CA GLY B 366 5.59 -14.15 6.51
C GLY B 366 5.73 -13.46 5.17
N PRO B 367 5.53 -12.12 5.13
CA PRO B 367 5.65 -11.39 3.86
C PRO B 367 7.07 -11.38 3.30
N SER B 368 8.04 -11.82 4.11
CA SER B 368 9.44 -11.82 3.70
C SER B 368 9.74 -12.92 2.69
N ILE B 369 8.76 -13.76 2.41
CA ILE B 369 8.96 -14.93 1.57
C ILE B 369 8.84 -14.63 0.08
N VAL B 370 8.24 -13.48 -0.24
CA VAL B 370 7.96 -13.14 -1.63
C VAL B 370 9.26 -12.83 -2.39
N HIS B 371 10.35 -12.68 -1.64
CA HIS B 371 11.66 -12.44 -2.24
C HIS B 371 12.30 -13.76 -2.65
N ARG B 372 11.72 -14.86 -2.20
CA ARG B 372 12.25 -16.19 -2.49
C ARG B 372 11.59 -16.79 -3.72
N LYS B 373 10.40 -16.30 -4.07
CA LYS B 373 9.64 -16.83 -5.18
C LYS B 373 9.41 -15.79 -6.28
N CYS B 374 9.17 -14.55 -5.87
CA CYS B 374 8.82 -13.48 -6.81
C CYS B 374 10.01 -12.56 -7.05
CA CA C . -0.43 -0.08 21.17
PB ADP D . 2.69 -1.17 19.91
O1B ADP D . 4.00 -1.88 19.62
O2B ADP D . 2.08 -1.55 21.23
O3B ADP D . 1.74 -1.11 18.75
PA ADP D . 4.17 0.79 21.28
O1A ADP D . 3.49 1.75 22.22
O2A ADP D . 4.84 -0.45 21.80
O3A ADP D . 3.12 0.36 20.15
O5' ADP D . 5.23 1.60 20.38
C5' ADP D . 6.60 1.21 20.36
C4' ADP D . 7.33 2.07 19.34
O4' ADP D . 7.60 3.35 19.92
C3' ADP D . 8.67 1.49 18.92
O3' ADP D . 8.72 1.34 17.49
C2' ADP D . 9.72 2.48 19.38
O2' ADP D . 10.74 2.66 18.39
C1' ADP D . 8.93 3.75 19.62
N9 ADP D . 9.50 4.57 20.73
C8 ADP D . 9.65 4.21 22.01
N7 ADP D . 10.19 5.22 22.72
C5 ADP D . 10.40 6.24 21.89
C6 ADP D . 10.95 7.62 21.99
N6 ADP D . 11.41 8.10 23.17
N1 ADP D . 10.99 8.36 20.86
C2 ADP D . 10.55 7.89 19.68
N3 ADP D . 10.04 6.66 19.52
C4 ADP D . 9.94 5.81 20.57
H5'1 ADP D . 7.05 1.34 21.34
H5'2 ADP D . 6.69 0.17 20.08
H4' ADP D . 6.70 2.19 18.45
H3' ADP D . 8.83 0.52 19.42
H2' ADP D . 10.16 2.14 20.33
HO2' ADP D . 11.19 1.82 18.25
H1' ADP D . 8.94 4.34 18.70
H8 ADP D . 9.36 3.25 22.42
HN61 ADP D . 11.78 9.04 23.21
HN62 ADP D . 11.38 7.53 24.00
H2 ADP D . 10.61 8.54 18.82
O01 1PO E . -15.00 0.34 24.71
C02 1PO E . -15.94 0.69 25.40
N03 1PO E . -15.95 0.48 26.78
C04 1PO E . -14.75 -0.20 27.33
C05 1PO E . -17.02 0.89 27.62
C06 1PO E . -16.99 0.77 28.97
C07 1PO E . -18.13 1.10 29.88
C08 1PO E . -17.77 2.03 31.08
O09 1PO E . -16.92 1.27 31.89
C10 1PO E . -17.42 0.97 33.16
C11 1PO E . -16.99 3.33 30.63
C12 1PO E . -17.95 4.26 29.89
C13 1PO E . -16.27 4.09 31.76
O14 1PO E . -16.92 4.52 32.69
C15 1PO E . -14.76 4.32 31.78
C16 1PO E . -14.21 4.99 33.07
C17 1PO E . -12.67 5.05 33.23
C18 1PO E . -12.13 3.68 33.64
C19 1PO E . -12.18 6.11 34.29
O20 1PO E . -12.62 5.64 35.53
C21 1PO E . -11.59 5.36 36.45
C22 1PO E . -12.76 7.57 34.15
C23 1PO E . -12.48 8.19 32.79
C24 1PO E . -12.22 8.52 35.27
C25 1PO E . -12.52 9.98 34.88
C26 1PO E . -14.02 10.28 34.88
C27 1PO E . -11.77 10.85 35.90
O28 1PO E . -10.41 10.47 36.00
C29 1PO E . -10.19 9.13 36.39
O30 1PO E . -10.82 8.34 35.41
C31 1PO E . -8.65 8.86 36.48
C32 1PO E . -7.92 8.41 35.36
C33 1PO E . -6.54 8.16 35.40
C34 1PO E . -5.82 8.33 36.57
C35 1PO E . -6.52 8.76 37.70
C36 1PO E . -7.90 9.03 37.64
O37 1PO E . -4.47 8.07 36.65
C38 1PO E . -4.06 6.74 36.40
CA CA F . -0.59 -2.71 -18.03
PB ADP G . -3.50 -0.68 -18.33
O1B ADP G . -4.97 -0.59 -18.00
O2B ADP G . -2.89 -2.03 -18.03
O3B ADP G . -2.70 0.50 -17.83
PA ADP G . -4.41 -1.19 -21.00
O1A ADP G . -3.68 -2.30 -21.73
O2A ADP G . -5.74 -1.45 -20.35
O3A ADP G . -3.37 -0.57 -19.92
O5' ADP G . -4.57 0.06 -21.99
C5' ADP G . -5.81 0.77 -22.05
C4' ADP G . -5.58 2.04 -22.86
O4' ADP G . -5.40 1.69 -24.23
C3' ADP G . -6.78 2.99 -22.80
O3' ADP G . -6.36 4.27 -22.29
C2' ADP G . -7.28 3.11 -24.22
O2' ADP G . -7.57 4.47 -24.57
C1' ADP G . -6.18 2.53 -25.08
N9 ADP G . -6.71 1.75 -26.22
C8 ADP G . -7.51 0.66 -26.15
N7 ADP G . -7.81 0.21 -27.39
C5 ADP G . -7.20 0.99 -28.28
C6 ADP G . -7.09 1.07 -29.76
N6 ADP G . -7.72 0.16 -30.55
N1 ADP G . -6.34 2.06 -30.28
C2 ADP G . -5.71 2.96 -29.52
N3 ADP G . -5.76 2.95 -28.18
C4 ADP G . -6.47 2.01 -27.51
H5'1 ADP G . -6.14 1.03 -21.05
H5'2 ADP G . -6.57 0.15 -22.53
H4' ADP G . -4.70 2.56 -22.48
H3' ADP G . -7.56 2.55 -22.16
H2' ADP G . -8.19 2.50 -24.33
HO2' ADP G . -8.26 4.81 -23.99
H1' ADP G . -5.55 3.35 -25.45
H8 ADP G . -7.86 0.23 -25.22
HN61 ADP G . -7.64 0.23 -31.55
HN62 ADP G . -8.28 -0.57 -30.14
H2 ADP G . -5.12 3.73 -30.00
O01 1PO H . 9.71 -12.80 -14.07
C02 1PO H . 10.33 -13.86 -14.06
N03 1PO H . 9.67 -15.08 -14.04
C04 1PO H . 8.18 -15.01 -14.02
C05 1PO H . 10.34 -16.33 -14.02
C06 1PO H . 9.77 -17.48 -14.43
C07 1PO H . 10.45 -18.82 -14.43
C08 1PO H . 10.10 -19.73 -15.65
O09 1PO H . 8.79 -20.16 -15.42
C10 1PO H . 8.60 -21.55 -15.47
C11 1PO H . 10.12 -18.96 -17.02
C12 1PO H . 11.57 -18.64 -17.40
C13 1PO H . 9.40 -19.67 -18.19
O14 1PO H . 9.88 -20.68 -18.66
C15 1PO H . 8.09 -19.16 -18.81
C16 1PO H . 7.54 -19.99 -20.00
C17 1PO H . 6.45 -19.32 -20.89
C18 1PO H . 5.15 -19.19 -20.10
C19 1PO H . 6.14 -20.13 -22.21
O20 1PO H . 5.86 -21.45 -21.79
C21 1PO H . 4.56 -21.90 -22.11
C22 1PO H . 7.31 -20.26 -23.26
C23 1PO H . 7.97 -18.92 -23.57
C24 1PO H . 6.86 -20.93 -24.60
C25 1PO H . 7.92 -20.68 -25.66
C26 1PO H . 9.25 -21.34 -25.31
C27 1PO H . 7.33 -21.25 -26.97
O28 1PO H . 6.04 -20.71 -27.23
C29 1PO H . 5.08 -20.95 -26.21
O30 1PO H . 5.62 -20.39 -25.03
C31 1PO H . 3.71 -20.33 -26.65
C32 1PO H . 3.28 -19.08 -26.19
C33 1PO H . 2.06 -18.50 -26.55
C34 1PO H . 1.18 -19.17 -27.40
C35 1PO H . 1.57 -20.42 -27.87
C36 1PO H . 2.81 -20.98 -27.49
O37 1PO H . -0.04 -18.62 -27.78
C38 1PO H . -0.89 -18.18 -26.73
#